data_9KOW
#
_entry.id   9KOW
#
_cell.length_a   140.526
_cell.length_b   97.319
_cell.length_c   90.534
_cell.angle_alpha   90.00
_cell.angle_beta   129.27
_cell.angle_gamma   90.00
#
_symmetry.space_group_name_H-M   'C 1 2 1'
#
loop_
_entity.id
_entity.type
_entity.pdbx_description
1 polymer 'Processed angiotensin-converting enzyme 2'
2 polymer 'RaTG13 RBD'
3 branched beta-D-mannopyranose-(1-4)-2-acetamido-2-deoxy-beta-D-glucopyranose-(1-4)-2-acetamido-2-deoxy-beta-D-glucopyranose
4 non-polymer 2-acetamido-2-deoxy-beta-D-glucopyranose
#
loop_
_entity_poly.entity_id
_entity_poly.type
_entity_poly.pdbx_seq_one_letter_code
_entity_poly.pdbx_strand_id
1 'polypeptide(L)'
;STTEEQAKTFLEKFNHEAEDLSYQSSLASWNYNTNITDENVQKMNEARAKWSAFYEEQSRMAKTYSLEEIQNLTLKRQLK
ALQHSGTSALSAEKSKRLNTILNKMSTIYSTGKVLDPNTQECLALEPGLDDIMENSRDYNRRLWAWEGWRAEVGKQLRPL
YEEYVVLENEMARANNYEDYGDYWRGDYEVTGAGDYDYSRDQLMKDVERTFAEIKPLYEQLHAYVRAKLMHTYPSYISPT
GCLPAHLLGDMWGRFWTNLYSLTVPFEHKPSIDVTEKMENQSWDAERIFKEAEKFFVSISLPYMTQGFWDNSMLTEPGDG
RKVVCHPTAWDLGKGDFRIKMCTKVTMDDFLTAHHEMGHIQYDMAYAAQPYLLRNGANEGFHEAVGEIMSLSAATPHYLK
ALGLLAPDFHEDNETEINFLLKQALTIVGTLPFTYMLEKWRWMVFKGEIPKQQWMEKWWEMKREIVGVVEPLPHDETYCD
PACLFHVAEDYSFIRYYTRTIYQFQFHEALCKTAKHEGALFKCDISNSTEAGQRLLQMLRLGKSEPWTLALENIVGIKTM
DVKPLLNYFEPLFTWLKEQNRNSFVGWSTEWTPYSD
;
A
2 'polypeptide(L)'
;TNLCPFGEVFNATTFASVYAWNRKRISNCVADYSVLYNSTSFSTFKCYGVSPTKLNDLCFTNVYADSFVITGDEVRQIAP
GQTGKIADYNYKLPDDFTGCVIAWNSKHIDAKEGGNFNYLYRLFRKANLKPFERDISTEIYQAGSKPCNGQTGLNCYYPL
YRYGFYPTDGVGHQPYRVVVLSFELLNAPATVCG
;
E
#
loop_
_chem_comp.id
_chem_comp.type
_chem_comp.name
_chem_comp.formula
BMA D-saccharide, beta linking beta-D-mannopyranose 'C6 H12 O6'
NAG D-saccharide, beta linking 2-acetamido-2-deoxy-beta-D-glucopyranose 'C8 H15 N O6'
#
# COMPACT_ATOMS: atom_id res chain seq x y z
N SER A 1 -38.52 -5.98 0.10
CA SER A 1 -37.48 -5.41 -0.75
C SER A 1 -36.20 -5.17 0.05
N THR A 2 -35.12 -5.90 -0.31
CA THR A 2 -33.82 -5.74 0.39
C THR A 2 -33.19 -4.39 0.05
N THR A 3 -32.88 -3.59 1.07
CA THR A 3 -32.21 -2.29 0.83
C THR A 3 -30.81 -2.55 0.27
N GLU A 4 -30.43 -3.82 0.14
CA GLU A 4 -29.12 -4.11 -0.50
C GLU A 4 -29.00 -3.18 -1.69
N GLU A 5 -30.09 -3.02 -2.43
CA GLU A 5 -30.04 -2.16 -3.62
C GLU A 5 -29.74 -0.71 -3.25
N GLN A 6 -30.32 -0.24 -2.14
CA GLN A 6 -29.99 1.12 -1.66
C GLN A 6 -28.52 1.21 -1.25
N ALA A 7 -27.99 0.17 -0.61
CA ALA A 7 -26.58 0.16 -0.26
C ALA A 7 -25.69 0.10 -1.49
N LYS A 8 -26.13 -0.63 -2.52
CA LYS A 8 -25.44 -0.62 -3.80
C LYS A 8 -25.32 0.79 -4.35
N THR A 9 -26.46 1.49 -4.44
CA THR A 9 -26.47 2.86 -4.93
C THR A 9 -25.60 3.77 -4.08
N PHE A 10 -25.65 3.58 -2.76
CA PHE A 10 -24.83 4.40 -1.87
C PHE A 10 -23.35 4.17 -2.11
N LEU A 11 -22.93 2.92 -2.25
CA LEU A 11 -21.53 2.64 -2.52
C LEU A 11 -21.11 3.13 -3.90
N GLU A 12 -22.04 3.13 -4.87
CA GLU A 12 -21.74 3.70 -6.17
C GLU A 12 -21.51 5.20 -6.07
N LYS A 13 -22.26 5.88 -5.20
CA LYS A 13 -21.98 7.30 -4.93
C LYS A 13 -20.62 7.47 -4.25
N PHE A 14 -20.33 6.60 -3.27
CA PHE A 14 -19.13 6.77 -2.46
C PHE A 14 -17.88 6.56 -3.29
N ASN A 15 -17.83 5.50 -4.09
CA ASN A 15 -16.66 5.24 -4.93
C ASN A 15 -16.28 6.49 -5.70
N HIS A 16 -17.25 7.10 -6.37
CA HIS A 16 -16.95 8.17 -7.31
C HIS A 16 -16.65 9.49 -6.60
N GLU A 17 -17.31 9.76 -5.47
CA GLU A 17 -16.94 10.97 -4.73
C GLU A 17 -15.57 10.83 -4.08
N ALA A 18 -15.35 9.71 -3.38
CA ALA A 18 -14.08 9.49 -2.70
C ALA A 18 -12.92 9.41 -3.68
N GLU A 19 -13.17 8.97 -4.92
CA GLU A 19 -12.09 8.92 -5.89
C GLU A 19 -11.46 10.30 -6.09
N ASP A 20 -12.29 11.29 -6.45
CA ASP A 20 -11.78 12.64 -6.65
C ASP A 20 -11.23 13.23 -5.36
N LEU A 21 -11.91 13.01 -4.24
CA LEU A 21 -11.45 13.65 -3.00
C LEU A 21 -10.09 13.09 -2.57
N SER A 22 -9.93 11.77 -2.60
CA SER A 22 -8.66 11.18 -2.23
C SER A 22 -7.59 11.45 -3.27
N TYR A 23 -7.95 11.67 -4.53
CA TYR A 23 -6.96 12.09 -5.51
C TYR A 23 -6.44 13.48 -5.16
N GLN A 24 -7.34 14.42 -4.86
CA GLN A 24 -6.94 15.73 -4.36
C GLN A 24 -5.99 15.60 -3.18
N SER A 25 -6.38 14.78 -2.19
CA SER A 25 -5.60 14.67 -0.96
C SER A 25 -4.21 14.09 -1.23
N SER A 26 -4.15 13.01 -2.01
CA SER A 26 -2.87 12.40 -2.32
C SER A 26 -1.98 13.34 -3.13
N LEU A 27 -2.57 14.11 -4.03
CA LEU A 27 -1.77 15.05 -4.82
C LEU A 27 -1.20 16.16 -3.94
N ALA A 28 -1.99 16.67 -2.99
CA ALA A 28 -1.46 17.71 -2.11
C ALA A 28 -0.41 17.15 -1.17
N SER A 29 -0.62 15.92 -0.69
CA SER A 29 0.40 15.25 0.10
C SER A 29 1.70 15.10 -0.70
N TRP A 30 1.58 14.73 -1.96
CA TRP A 30 2.73 14.68 -2.86
C TRP A 30 3.42 16.02 -2.94
N ASN A 31 2.66 17.08 -3.21
CA ASN A 31 3.27 18.39 -3.42
C ASN A 31 3.94 18.92 -2.18
N TYR A 32 3.47 18.57 -0.98
CA TYR A 32 4.28 18.87 0.19
C TYR A 32 5.53 18.01 0.22
N ASN A 33 5.37 16.70 0.02
CA ASN A 33 6.53 15.80 0.04
C ASN A 33 7.40 15.94 -1.20
N THR A 34 7.12 16.89 -2.09
CA THR A 34 8.03 17.08 -3.23
C THR A 34 8.53 18.53 -3.26
N ASN A 35 7.81 19.43 -2.59
CA ASN A 35 8.21 20.86 -2.50
C ASN A 35 8.48 21.20 -1.03
N ILE A 36 7.61 20.76 -0.11
CA ILE A 36 7.82 20.95 1.36
C ILE A 36 7.93 22.44 1.74
N THR A 37 6.86 23.22 1.53
CA THR A 37 6.84 24.66 1.89
C THR A 37 5.65 24.93 2.81
N ASP A 38 5.54 26.15 3.36
CA ASP A 38 4.45 26.40 4.30
C ASP A 38 3.11 26.47 3.56
N GLU A 39 3.11 27.10 2.38
CA GLU A 39 1.98 27.04 1.47
C GLU A 39 1.56 25.60 1.18
N ASN A 40 2.55 24.72 0.93
CA ASN A 40 2.23 23.35 0.58
C ASN A 40 1.76 22.55 1.78
N VAL A 41 2.32 22.82 2.96
CA VAL A 41 1.75 22.24 4.17
C VAL A 41 0.29 22.63 4.32
N GLN A 42 -0.02 23.90 4.04
CA GLN A 42 -1.41 24.35 4.16
C GLN A 42 -2.32 23.67 3.14
N LYS A 43 -1.86 23.56 1.89
CA LYS A 43 -2.68 22.91 0.86
C LYS A 43 -2.88 21.44 1.17
N MET A 44 -1.82 20.75 1.59
CA MET A 44 -1.92 19.35 1.98
C MET A 44 -2.89 19.18 3.15
N ASN A 45 -2.78 20.06 4.15
CA ASN A 45 -3.67 20.00 5.31
C ASN A 45 -5.13 20.20 4.90
N GLU A 46 -5.39 21.16 4.01
CA GLU A 46 -6.76 21.44 3.60
C GLU A 46 -7.34 20.30 2.78
N ALA A 47 -6.53 19.71 1.89
CA ALA A 47 -6.98 18.55 1.13
C ALA A 47 -7.30 17.39 2.06
N ARG A 48 -6.39 17.08 3.00
CA ARG A 48 -6.66 15.97 3.91
C ARG A 48 -7.84 16.27 4.82
N ALA A 49 -8.06 17.54 5.17
CA ALA A 49 -9.17 17.88 6.06
C ALA A 49 -10.50 17.70 5.34
N LYS A 50 -10.58 18.14 4.08
CA LYS A 50 -11.77 17.85 3.29
C LYS A 50 -11.99 16.35 3.16
N TRP A 51 -10.92 15.59 2.98
CA TRP A 51 -11.03 14.14 2.82
C TRP A 51 -11.50 13.47 4.12
N SER A 52 -10.93 13.87 5.26
CA SER A 52 -11.31 13.28 6.54
C SER A 52 -12.72 13.69 6.93
N ALA A 53 -13.13 14.91 6.59
CA ALA A 53 -14.51 15.29 6.84
C ALA A 53 -15.45 14.51 5.95
N PHE A 54 -15.03 14.23 4.72
CA PHE A 54 -15.83 13.38 3.85
C PHE A 54 -15.98 11.98 4.45
N TYR A 55 -14.94 11.47 5.10
CA TYR A 55 -15.10 10.19 5.78
C TYR A 55 -16.02 10.28 6.99
N GLU A 56 -15.80 11.25 7.88
CA GLU A 56 -16.72 11.39 9.01
C GLU A 56 -18.16 11.53 8.54
N GLU A 57 -18.36 12.04 7.33
CA GLU A 57 -19.68 12.04 6.72
C GLU A 57 -20.09 10.63 6.31
N GLN A 58 -19.28 9.98 5.49
CA GLN A 58 -19.74 8.80 4.77
C GLN A 58 -19.75 7.54 5.64
N SER A 59 -18.81 7.42 6.58
CA SER A 59 -18.89 6.34 7.57
C SER A 59 -20.21 6.40 8.32
N ARG A 60 -20.67 7.61 8.64
CA ARG A 60 -21.91 7.76 9.39
C ARG A 60 -23.15 7.62 8.51
N MET A 61 -23.03 7.91 7.20
CA MET A 61 -24.02 7.37 6.26
C MET A 61 -24.10 5.86 6.37
N ALA A 62 -22.94 5.20 6.21
CA ALA A 62 -22.89 3.75 6.08
C ALA A 62 -23.36 3.03 7.33
N LYS A 63 -23.24 3.68 8.49
CA LYS A 63 -23.69 3.06 9.74
C LYS A 63 -25.14 2.56 9.63
N THR A 64 -25.96 3.38 8.98
CA THR A 64 -27.38 3.02 8.84
C THR A 64 -27.44 1.68 8.11
N TYR A 65 -26.86 1.62 6.92
CA TYR A 65 -26.98 0.38 6.12
C TYR A 65 -26.58 -0.78 7.03
N SER A 66 -27.54 -1.66 7.35
CA SER A 66 -27.26 -2.82 8.23
C SER A 66 -26.46 -3.86 7.45
N LEU A 67 -25.28 -4.26 7.92
CA LEU A 67 -24.48 -5.19 7.07
C LEU A 67 -25.22 -6.51 6.88
N GLU A 68 -26.00 -6.94 7.88
CA GLU A 68 -26.66 -8.27 7.84
C GLU A 68 -27.33 -8.57 6.49
N GLU A 69 -27.95 -7.57 5.89
CA GLU A 69 -28.73 -7.86 4.65
C GLU A 69 -27.89 -7.46 3.42
N ILE A 70 -26.70 -8.03 3.28
CA ILE A 70 -25.88 -7.67 2.08
C ILE A 70 -25.31 -8.99 1.57
N GLN A 71 -26.06 -9.69 0.73
CA GLN A 71 -25.57 -11.01 0.36
C GLN A 71 -24.65 -11.00 -0.85
N ASN A 72 -24.36 -9.79 -1.35
CA ASN A 72 -23.30 -9.67 -2.38
C ASN A 72 -22.04 -9.40 -1.56
N LEU A 73 -21.26 -10.44 -1.28
CA LEU A 73 -20.12 -10.29 -0.32
C LEU A 73 -19.38 -8.96 -0.52
N THR A 74 -19.02 -8.63 -1.76
CA THR A 74 -18.25 -7.41 -2.01
C THR A 74 -18.94 -6.27 -1.25
N LEU A 75 -20.22 -6.06 -1.55
CA LEU A 75 -20.96 -4.96 -0.94
C LEU A 75 -20.80 -4.97 0.57
N LYS A 76 -21.00 -6.15 1.18
CA LYS A 76 -20.89 -6.28 2.62
C LYS A 76 -19.50 -5.87 3.10
N ARG A 77 -18.47 -6.15 2.31
CA ARG A 77 -17.09 -5.84 2.69
C ARG A 77 -16.80 -4.34 2.56
N GLN A 78 -17.24 -3.72 1.46
CA GLN A 78 -17.13 -2.28 1.36
C GLN A 78 -17.84 -1.60 2.53
N LEU A 79 -19.05 -2.05 2.84
CA LEU A 79 -19.81 -1.44 3.93
C LEU A 79 -19.14 -1.69 5.28
N LYS A 80 -18.67 -2.91 5.53
CA LYS A 80 -17.97 -3.20 6.78
C LYS A 80 -16.75 -2.31 6.94
N ALA A 81 -15.92 -2.23 5.90
CA ALA A 81 -14.69 -1.44 5.99
C ALA A 81 -15.01 0.03 6.25
N LEU A 82 -15.99 0.58 5.52
CA LEU A 82 -16.37 1.96 5.77
C LEU A 82 -17.03 2.15 7.14
N GLN A 83 -17.57 1.09 7.72
CA GLN A 83 -18.27 1.15 9.01
C GLN A 83 -17.34 0.88 10.19
N HIS A 84 -16.04 0.73 9.96
CA HIS A 84 -15.05 0.74 11.03
C HIS A 84 -14.92 2.18 11.51
N SER A 85 -15.64 2.53 12.58
CA SER A 85 -15.84 3.92 12.96
C SER A 85 -14.94 4.39 14.10
N GLY A 86 -14.34 3.47 14.85
CA GLY A 86 -13.36 3.81 15.87
C GLY A 86 -13.72 4.94 16.82
N THR A 87 -12.89 6.00 16.82
CA THR A 87 -12.98 7.07 17.81
C THR A 87 -14.30 7.84 17.76
N SER A 88 -15.08 7.71 16.67
CA SER A 88 -16.39 8.36 16.62
C SER A 88 -17.36 7.75 17.60
N ALA A 89 -17.11 6.53 18.09
CA ALA A 89 -17.99 5.91 19.07
C ALA A 89 -17.88 6.60 20.42
N LEU A 90 -16.72 7.18 20.74
CA LEU A 90 -16.51 7.83 22.02
C LEU A 90 -17.25 9.16 22.10
N SER A 91 -17.48 9.59 23.34
CA SER A 91 -17.97 10.95 23.58
C SER A 91 -17.02 11.95 22.94
N ALA A 92 -17.59 13.05 22.44
CA ALA A 92 -16.76 14.11 21.86
C ALA A 92 -15.67 14.54 22.82
N GLU A 93 -16.01 14.70 24.10
CA GLU A 93 -15.00 15.02 25.11
C GLU A 93 -13.87 14.00 25.10
N LYS A 94 -14.22 12.70 25.13
CA LYS A 94 -13.19 11.67 25.21
C LYS A 94 -12.46 11.46 23.88
N SER A 95 -13.14 11.66 22.75
CA SER A 95 -12.44 11.72 21.48
C SER A 95 -11.35 12.79 21.53
N LYS A 96 -11.69 13.96 22.08
CA LYS A 96 -10.73 15.05 22.17
C LYS A 96 -9.63 14.75 23.17
N ARG A 97 -9.97 14.15 24.31
CA ARG A 97 -8.96 13.78 25.29
C ARG A 97 -7.98 12.76 24.73
N LEU A 98 -8.49 11.79 23.97
CA LEU A 98 -7.62 10.76 23.42
C LEU A 98 -6.75 11.32 22.30
N ASN A 99 -7.31 12.21 21.47
CA ASN A 99 -6.50 12.89 20.47
C ASN A 99 -5.44 13.76 21.14
N THR A 100 -5.80 14.41 22.24
CA THR A 100 -4.84 15.18 23.02
C THR A 100 -3.71 14.30 23.52
N ILE A 101 -4.05 13.14 24.09
CA ILE A 101 -3.04 12.24 24.62
C ILE A 101 -2.14 11.72 23.51
N LEU A 102 -2.74 11.36 22.37
CA LEU A 102 -1.95 10.84 21.25
C LEU A 102 -0.99 11.90 20.71
N ASN A 103 -1.47 13.14 20.57
CA ASN A 103 -0.60 14.23 20.12
C ASN A 103 0.51 14.46 21.12
N LYS A 104 0.19 14.48 22.42
CA LYS A 104 1.20 14.64 23.45
C LYS A 104 2.28 13.57 23.33
N MET A 105 1.87 12.30 23.28
CA MET A 105 2.83 11.21 23.24
C MET A 105 3.69 11.27 21.98
N SER A 106 3.06 11.51 20.82
CA SER A 106 3.79 11.53 19.57
C SER A 106 4.81 12.67 19.54
N THR A 107 4.42 13.85 20.02
CA THR A 107 5.37 14.96 20.04
C THR A 107 6.45 14.77 21.10
N ILE A 108 6.12 14.17 22.24
CA ILE A 108 7.15 13.82 23.22
C ILE A 108 8.20 12.93 22.59
N TYR A 109 7.76 11.88 21.90
CA TYR A 109 8.70 10.96 21.25
C TYR A 109 9.53 11.69 20.20
N SER A 110 8.87 12.39 19.26
CA SER A 110 9.58 13.01 18.16
C SER A 110 10.46 14.19 18.60
N THR A 111 10.25 14.72 19.80
CA THR A 111 11.01 15.86 20.26
C THR A 111 11.77 15.62 21.56
N GLY A 112 11.70 14.43 22.14
CA GLY A 112 12.39 14.17 23.39
C GLY A 112 13.90 14.35 23.26
N LYS A 113 14.55 14.59 24.40
CA LYS A 113 15.97 14.88 24.40
C LYS A 113 16.60 14.55 25.75
N VAL A 114 17.78 13.93 25.72
CA VAL A 114 18.54 13.57 26.92
C VAL A 114 19.91 14.24 26.84
N LEU A 115 20.52 14.44 28.00
CA LEU A 115 21.68 15.32 28.13
C LEU A 115 22.92 14.52 28.50
N ASP A 116 24.02 14.75 27.76
CA ASP A 116 25.29 14.13 28.10
C ASP A 116 25.74 14.63 29.48
N PRO A 117 26.21 13.75 30.36
CA PRO A 117 27.19 14.20 31.36
C PRO A 117 28.48 14.62 30.70
N ASN A 118 28.78 14.01 29.56
CA ASN A 118 29.97 14.30 28.76
C ASN A 118 30.02 15.75 28.32
N THR A 119 29.09 16.13 27.43
CA THR A 119 29.16 17.49 26.82
C THR A 119 28.06 18.41 27.31
N GLN A 120 27.14 17.91 28.14
CA GLN A 120 25.98 18.73 28.56
C GLN A 120 25.16 19.08 27.32
N GLU A 121 25.47 18.47 26.17
CA GLU A 121 24.63 18.68 24.95
C GLU A 121 23.43 17.75 25.06
N CYS A 122 22.26 18.16 24.56
CA CYS A 122 21.11 17.29 24.76
C CYS A 122 20.70 16.69 23.42
N LEU A 123 21.01 15.42 23.23
CA LEU A 123 20.82 14.74 21.95
C LEU A 123 19.35 14.43 21.71
N ALA A 124 19.07 13.63 20.69
CA ALA A 124 17.73 13.15 20.41
C ALA A 124 17.85 11.79 19.74
N LEU A 125 16.71 11.11 19.57
CA LEU A 125 16.71 9.78 18.99
C LEU A 125 17.28 9.73 17.58
N GLU A 126 16.56 10.31 16.62
CA GLU A 126 16.96 10.17 15.22
C GLU A 126 18.37 10.70 14.92
N PRO A 127 18.82 11.84 15.49
CA PRO A 127 20.21 12.24 15.27
C PRO A 127 21.18 11.47 16.15
N GLY A 128 21.51 12.04 17.31
CA GLY A 128 22.56 11.50 18.15
C GLY A 128 22.36 10.08 18.66
N LEU A 129 21.24 9.82 19.34
CA LEU A 129 21.10 8.57 20.07
C LEU A 129 21.11 7.36 19.14
N ASP A 130 20.44 7.43 17.99
CA ASP A 130 20.44 6.30 17.06
C ASP A 130 21.83 6.02 16.49
N ASP A 131 22.61 7.07 16.22
CA ASP A 131 23.98 6.85 15.78
C ASP A 131 24.80 6.19 16.89
N ILE A 132 24.55 6.56 18.15
CA ILE A 132 25.18 5.88 19.28
C ILE A 132 24.82 4.40 19.27
N MET A 133 23.53 4.09 19.28
CA MET A 133 23.08 2.71 19.40
C MET A 133 23.44 1.86 18.19
N GLU A 134 23.65 2.48 17.03
CA GLU A 134 23.93 1.73 15.82
C GLU A 134 25.43 1.61 15.52
N ASN A 135 26.24 2.55 16.00
CA ASN A 135 27.64 2.62 15.62
C ASN A 135 28.60 2.61 16.79
N SER A 136 28.10 2.52 18.03
CA SER A 136 28.95 2.60 19.22
C SER A 136 29.26 1.20 19.74
N ARG A 137 30.54 0.96 20.03
CA ARG A 137 30.97 -0.26 20.70
C ARG A 137 31.32 -0.04 22.16
N ASP A 138 31.33 1.20 22.63
CA ASP A 138 31.52 1.44 24.05
C ASP A 138 30.32 0.93 24.83
N TYR A 139 30.58 0.09 25.84
CA TYR A 139 29.49 -0.40 26.68
C TYR A 139 28.76 0.75 27.37
N ASN A 140 29.48 1.80 27.76
CA ASN A 140 28.96 2.77 28.70
C ASN A 140 28.19 3.91 28.04
N ARG A 141 28.57 4.37 26.84
CA ARG A 141 27.70 5.33 26.17
C ARG A 141 26.43 4.66 25.64
N ARG A 142 26.50 3.40 25.20
CA ARG A 142 25.27 2.72 24.82
C ARG A 142 24.31 2.61 26.01
N LEU A 143 24.84 2.25 27.17
CA LEU A 143 24.02 2.21 28.38
C LEU A 143 23.49 3.59 28.72
N TRP A 144 24.36 4.60 28.70
CA TRP A 144 23.93 5.97 28.94
C TRP A 144 22.74 6.35 28.05
N ALA A 145 22.86 6.11 26.74
CA ALA A 145 21.84 6.56 25.80
C ALA A 145 20.55 5.77 25.97
N TRP A 146 20.63 4.44 25.93
CA TRP A 146 19.51 3.57 26.23
C TRP A 146 18.74 4.04 27.46
N GLU A 147 19.44 4.17 28.58
CA GLU A 147 18.78 4.46 29.85
C GLU A 147 18.23 5.88 29.87
N GLY A 148 19.00 6.85 29.38
CA GLY A 148 18.53 8.21 29.38
C GLY A 148 17.30 8.39 28.52
N TRP A 149 17.25 7.70 27.37
CA TRP A 149 16.03 7.68 26.58
C TRP A 149 14.87 7.17 27.41
N ARG A 150 15.00 5.94 27.93
CA ARG A 150 13.90 5.33 28.69
C ARG A 150 13.54 6.09 29.95
N ALA A 151 14.38 7.01 30.42
CA ALA A 151 14.12 7.79 31.63
C ALA A 151 13.54 9.17 31.36
N GLU A 152 14.23 9.98 30.56
CA GLU A 152 13.74 11.33 30.26
C GLU A 152 12.46 11.28 29.43
N VAL A 153 12.36 10.34 28.50
CA VAL A 153 11.21 10.28 27.60
C VAL A 153 10.19 9.24 28.05
N GLY A 154 10.65 8.06 28.45
CA GLY A 154 9.71 7.01 28.84
C GLY A 154 8.90 7.37 30.08
N LYS A 155 9.51 8.08 31.03
CA LYS A 155 8.80 8.46 32.23
C LYS A 155 7.67 9.44 31.93
N GLN A 156 7.90 10.38 31.00
CA GLN A 156 6.89 11.37 30.66
C GLN A 156 5.69 10.73 29.98
N LEU A 157 5.89 9.61 29.29
CA LEU A 157 4.81 8.97 28.54
C LEU A 157 3.96 8.05 29.40
N ARG A 158 4.43 7.66 30.58
CA ARG A 158 3.83 6.61 31.40
C ARG A 158 2.36 6.88 31.74
N PRO A 159 2.02 7.98 32.43
CA PRO A 159 0.59 8.22 32.69
C PRO A 159 -0.21 8.48 31.42
N LEU A 160 0.43 9.09 30.41
CA LEU A 160 -0.21 9.21 29.11
C LEU A 160 -0.57 7.84 28.54
N TYR A 161 0.34 6.87 28.67
CA TYR A 161 0.01 5.53 28.16
C TYR A 161 -1.07 4.86 29.00
N GLU A 162 -1.09 5.10 30.31
CA GLU A 162 -2.17 4.55 31.14
C GLU A 162 -3.53 5.07 30.67
N GLU A 163 -3.67 6.39 30.58
CA GLU A 163 -4.94 6.96 30.15
C GLU A 163 -5.24 6.62 28.69
N TYR A 164 -4.21 6.40 27.90
CA TYR A 164 -4.37 5.97 26.51
C TYR A 164 -5.00 4.59 26.45
N VAL A 165 -4.45 3.63 27.20
CA VAL A 165 -5.04 2.31 27.29
C VAL A 165 -6.47 2.39 27.78
N VAL A 166 -6.72 3.24 28.79
CA VAL A 166 -8.07 3.43 29.30
C VAL A 166 -9.03 3.84 28.18
N LEU A 167 -8.72 4.96 27.52
CA LEU A 167 -9.66 5.53 26.56
C LEU A 167 -9.83 4.63 25.35
N GLU A 168 -8.75 4.02 24.85
CA GLU A 168 -8.93 3.15 23.70
C GLU A 168 -9.57 1.82 24.07
N ASN A 169 -9.49 1.41 25.33
CA ASN A 169 -10.29 0.27 25.76
C ASN A 169 -11.77 0.59 25.73
N GLU A 170 -12.15 1.79 26.20
CA GLU A 170 -13.53 2.22 26.01
C GLU A 170 -13.91 2.27 24.53
N MET A 171 -13.04 2.85 23.71
CA MET A 171 -13.29 3.00 22.28
C MET A 171 -13.46 1.65 21.60
N ALA A 172 -12.79 0.62 22.11
CA ALA A 172 -12.97 -0.72 21.58
C ALA A 172 -14.26 -1.36 22.09
N ARG A 173 -14.52 -1.25 23.39
CA ARG A 173 -15.74 -1.82 23.96
C ARG A 173 -17.00 -1.17 23.40
N ALA A 174 -16.86 0.02 22.78
CA ALA A 174 -17.99 0.66 22.14
C ALA A 174 -18.29 0.06 20.75
N ASN A 175 -17.31 -0.55 20.10
CA ASN A 175 -17.49 -1.18 18.81
C ASN A 175 -17.66 -2.69 18.91
N ASN A 176 -18.05 -3.18 20.08
CA ASN A 176 -18.33 -4.61 20.32
C ASN A 176 -17.09 -5.48 20.12
N TYR A 177 -15.93 -4.96 20.53
CA TYR A 177 -14.72 -5.74 20.70
C TYR A 177 -14.46 -5.92 22.19
N GLU A 178 -13.68 -6.95 22.55
CA GLU A 178 -13.46 -7.21 23.97
C GLU A 178 -12.39 -6.30 24.56
N ASP A 179 -11.39 -5.89 23.78
CA ASP A 179 -10.43 -4.90 24.22
C ASP A 179 -9.74 -4.32 22.99
N TYR A 180 -8.85 -3.36 23.21
CA TYR A 180 -8.17 -2.71 22.08
C TYR A 180 -7.30 -3.70 21.32
N GLY A 181 -6.74 -4.70 22.01
CA GLY A 181 -5.99 -5.73 21.32
C GLY A 181 -6.87 -6.53 20.39
N ASP A 182 -8.09 -6.84 20.82
CA ASP A 182 -9.04 -7.51 19.96
C ASP A 182 -9.46 -6.61 18.80
N TYR A 183 -9.57 -5.31 19.06
CA TYR A 183 -9.84 -4.34 18.00
C TYR A 183 -8.78 -4.42 16.91
N TRP A 184 -7.49 -4.43 17.29
CA TRP A 184 -6.43 -4.51 16.31
C TRP A 184 -6.43 -5.87 15.61
N ARG A 185 -6.56 -6.96 16.38
CA ARG A 185 -6.66 -8.28 15.78
C ARG A 185 -7.82 -8.38 14.80
N GLY A 186 -8.80 -7.49 14.93
CA GLY A 186 -9.89 -7.40 13.98
C GLY A 186 -9.49 -7.14 12.54
N ASP A 187 -8.20 -6.92 12.28
CA ASP A 187 -7.73 -6.82 10.91
C ASP A 187 -7.83 -8.17 10.21
N TYR A 188 -7.36 -9.22 10.87
CA TYR A 188 -7.33 -10.54 10.24
C TYR A 188 -8.66 -11.26 10.32
N GLU A 189 -9.69 -10.63 10.87
CA GLU A 189 -10.99 -11.28 10.99
C GLU A 189 -11.56 -11.61 9.62
N VAL A 190 -12.05 -12.84 9.48
CA VAL A 190 -12.74 -13.29 8.27
C VAL A 190 -14.05 -13.94 8.70
N THR A 191 -15.15 -13.52 8.09
CA THR A 191 -16.47 -14.00 8.48
C THR A 191 -17.30 -14.31 7.23
N GLY A 192 -18.21 -15.28 7.38
CA GLY A 192 -19.11 -15.61 6.29
C GLY A 192 -18.45 -16.26 5.10
N ALA A 193 -17.39 -17.02 5.32
CA ALA A 193 -16.65 -17.70 4.24
C ALA A 193 -16.40 -19.14 4.66
N GLY A 194 -17.31 -20.03 4.27
CA GLY A 194 -17.15 -21.45 4.55
C GLY A 194 -15.82 -21.99 4.07
N ASP A 195 -15.03 -22.53 5.00
CA ASP A 195 -13.69 -23.10 4.84
C ASP A 195 -12.61 -22.02 4.81
N TYR A 196 -12.95 -20.73 4.78
CA TYR A 196 -11.94 -19.67 4.68
C TYR A 196 -11.98 -18.69 5.86
N ASP A 197 -12.89 -18.89 6.82
CA ASP A 197 -13.08 -18.01 7.98
C ASP A 197 -11.81 -17.87 8.81
N TYR A 198 -11.80 -16.89 9.70
CA TYR A 198 -10.62 -16.61 10.54
C TYR A 198 -11.07 -15.70 11.68
N SER A 199 -11.14 -16.26 12.89
CA SER A 199 -11.55 -15.52 14.08
C SER A 199 -10.44 -14.58 14.53
N ARG A 200 -10.79 -13.69 15.46
CA ARG A 200 -9.84 -12.70 15.95
C ARG A 200 -8.88 -13.26 17.00
N ASP A 201 -9.19 -14.42 17.57
CA ASP A 201 -8.33 -15.05 18.57
C ASP A 201 -7.46 -16.14 17.96
N GLN A 202 -7.84 -16.63 16.78
CA GLN A 202 -6.98 -17.57 16.08
C GLN A 202 -5.68 -16.91 15.63
N LEU A 203 -5.66 -15.57 15.56
CA LEU A 203 -4.38 -14.88 15.37
C LEU A 203 -3.46 -15.10 16.57
N MET A 204 -3.98 -14.94 17.79
CA MET A 204 -3.27 -15.35 18.99
C MET A 204 -2.70 -16.76 18.84
N LYS A 205 -3.58 -17.72 18.52
CA LYS A 205 -3.15 -19.12 18.53
C LYS A 205 -2.14 -19.42 17.44
N ASP A 206 -2.34 -18.93 16.21
CA ASP A 206 -1.39 -19.17 15.14
C ASP A 206 -0.05 -18.49 15.41
N VAL A 207 -0.06 -17.24 15.88
CA VAL A 207 1.19 -16.55 16.18
C VAL A 207 1.97 -17.33 17.23
N GLU A 208 1.29 -17.85 18.25
CA GLU A 208 1.99 -18.58 19.29
C GLU A 208 2.54 -19.92 18.77
N ARG A 209 1.73 -20.66 18.00
CA ARG A 209 2.20 -21.93 17.45
C ARG A 209 3.44 -21.73 16.57
N THR A 210 3.38 -20.76 15.66
CA THR A 210 4.49 -20.55 14.74
C THR A 210 5.71 -19.96 15.43
N PHE A 211 5.52 -19.14 16.48
CA PHE A 211 6.68 -18.68 17.22
C PHE A 211 7.33 -19.84 17.97
N ALA A 212 6.53 -20.78 18.46
CA ALA A 212 7.10 -21.99 19.03
C ALA A 212 7.95 -22.73 18.00
N GLU A 213 7.47 -22.81 16.75
CA GLU A 213 8.30 -23.42 15.72
C GLU A 213 9.52 -22.58 15.36
N ILE A 214 9.49 -21.28 15.64
CA ILE A 214 10.66 -20.45 15.39
C ILE A 214 11.71 -20.62 16.49
N LYS A 215 11.28 -20.82 17.74
CA LYS A 215 12.16 -20.77 18.92
C LYS A 215 13.54 -21.41 18.78
N PRO A 216 13.72 -22.63 18.25
CA PRO A 216 15.09 -23.20 18.24
C PRO A 216 16.08 -22.42 17.39
N LEU A 217 15.65 -21.99 16.20
CA LEU A 217 16.51 -21.17 15.35
C LEU A 217 16.93 -19.89 16.05
N TYR A 218 15.98 -19.24 16.71
CA TYR A 218 16.30 -18.02 17.46
C TYR A 218 17.21 -18.31 18.64
N GLU A 219 17.01 -19.45 19.30
CA GLU A 219 17.85 -19.79 20.45
C GLU A 219 19.29 -19.97 20.02
N GLN A 220 19.51 -20.58 18.84
CA GLN A 220 20.89 -20.76 18.40
C GLN A 220 21.49 -19.48 17.82
N LEU A 221 20.70 -18.67 17.11
CA LEU A 221 21.15 -17.31 16.78
C LEU A 221 21.56 -16.56 18.02
N HIS A 222 20.77 -16.69 19.09
CA HIS A 222 21.00 -15.96 20.33
C HIS A 222 22.25 -16.46 21.03
N ALA A 223 22.46 -17.78 21.05
CA ALA A 223 23.68 -18.32 21.62
C ALA A 223 24.91 -17.83 20.87
N TYR A 224 24.84 -17.85 19.53
CA TYR A 224 25.99 -17.43 18.72
C TYR A 224 26.30 -15.95 18.91
N VAL A 225 25.26 -15.11 18.87
CA VAL A 225 25.47 -13.67 19.04
C VAL A 225 25.96 -13.36 20.45
N ARG A 226 25.42 -14.06 21.45
CA ARG A 226 25.92 -13.91 22.81
C ARG A 226 27.39 -14.27 22.91
N ALA A 227 27.80 -15.33 22.21
CA ALA A 227 29.21 -15.72 22.22
C ALA A 227 30.08 -14.63 21.63
N LYS A 228 29.70 -14.10 20.47
CA LYS A 228 30.54 -13.09 19.84
C LYS A 228 30.56 -11.80 20.66
N LEU A 229 29.42 -11.39 21.19
CA LEU A 229 29.38 -10.19 22.02
C LEU A 229 30.10 -10.39 23.35
N MET A 230 30.13 -11.61 23.87
CA MET A 230 30.96 -11.90 25.03
C MET A 230 32.44 -11.82 24.68
N HIS A 231 32.79 -12.16 23.44
CA HIS A 231 34.16 -11.94 23.00
C HIS A 231 34.48 -10.46 22.86
N THR A 232 33.46 -9.66 22.55
CA THR A 232 33.67 -8.19 22.33
C THR A 232 33.33 -7.42 23.61
N TYR A 233 32.75 -8.09 24.60
CA TYR A 233 32.49 -7.46 25.91
C TYR A 233 32.53 -8.57 26.95
N PRO A 234 33.70 -9.05 27.37
CA PRO A 234 33.71 -10.21 28.25
C PRO A 234 33.16 -9.93 29.66
N SER A 235 33.70 -8.90 30.32
CA SER A 235 33.33 -8.64 31.73
C SER A 235 31.87 -8.24 31.86
N TYR A 236 31.13 -8.06 30.76
CA TYR A 236 29.77 -7.55 30.88
C TYR A 236 28.68 -8.55 30.52
N ILE A 237 29.02 -9.68 29.92
CA ILE A 237 28.06 -10.61 29.35
C ILE A 237 28.22 -11.97 30.01
N SER A 238 27.08 -12.64 30.28
CA SER A 238 27.15 -14.01 30.77
C SER A 238 27.11 -14.99 29.61
N PRO A 239 27.81 -16.12 29.73
CA PRO A 239 27.74 -17.13 28.68
C PRO A 239 26.42 -17.85 28.64
N THR A 240 25.62 -17.74 29.69
CA THR A 240 24.33 -18.40 29.77
C THR A 240 23.16 -17.46 29.92
N GLY A 241 23.40 -16.18 30.20
CA GLY A 241 22.34 -15.25 30.52
C GLY A 241 21.76 -14.59 29.29
N CYS A 242 20.93 -13.58 29.56
CA CYS A 242 20.30 -12.83 28.49
C CYS A 242 21.28 -11.79 27.94
N LEU A 243 20.89 -11.18 26.82
CA LEU A 243 21.72 -10.13 26.23
C LEU A 243 21.36 -8.77 26.82
N PRO A 244 22.34 -8.01 27.31
CA PRO A 244 22.06 -6.63 27.76
C PRO A 244 21.35 -5.84 26.68
N ALA A 245 20.17 -5.32 27.02
CA ALA A 245 19.27 -4.74 26.02
C ALA A 245 19.93 -3.59 25.25
N HIS A 246 20.89 -2.89 25.86
CA HIS A 246 21.51 -1.74 25.22
C HIS A 246 22.60 -2.12 24.22
N LEU A 247 22.92 -3.41 24.07
CA LEU A 247 24.02 -3.85 23.21
C LEU A 247 23.52 -4.60 21.98
N LEU A 248 22.39 -4.20 21.41
CA LEU A 248 21.71 -5.01 20.41
C LEU A 248 21.55 -4.32 19.06
N GLY A 249 22.34 -3.28 18.78
CA GLY A 249 22.45 -2.71 17.47
C GLY A 249 21.61 -1.46 17.26
N ASP A 250 20.49 -1.33 17.95
CA ASP A 250 19.73 -0.10 17.93
C ASP A 250 19.13 0.13 19.31
N MET A 251 18.38 1.24 19.42
CA MET A 251 17.87 1.72 20.70
C MET A 251 17.03 0.70 21.45
N TRP A 252 16.60 -0.39 20.81
CA TRP A 252 15.68 -1.32 21.46
C TRP A 252 16.02 -2.78 21.29
N GLY A 253 16.99 -3.14 20.45
CA GLY A 253 17.14 -4.53 20.10
C GLY A 253 16.05 -5.03 19.18
N ARG A 254 15.36 -4.12 18.49
CA ARG A 254 14.37 -4.51 17.50
C ARG A 254 15.03 -5.31 16.39
N PHE A 255 16.03 -4.72 15.74
CA PHE A 255 16.86 -5.43 14.77
C PHE A 255 18.29 -5.55 15.28
N TRP A 256 18.85 -6.74 15.12
CA TRP A 256 20.24 -7.02 15.45
C TRP A 256 21.17 -6.78 14.26
N THR A 257 20.73 -5.98 13.29
CA THR A 257 21.51 -5.79 12.07
C THR A 257 22.85 -5.14 12.35
N ASN A 258 22.87 -4.16 13.24
CA ASN A 258 24.10 -3.43 13.53
C ASN A 258 25.10 -4.25 14.33
N LEU A 259 24.80 -5.52 14.61
CA LEU A 259 25.71 -6.43 15.27
C LEU A 259 26.57 -7.22 14.29
N TYR A 260 26.23 -7.16 12.99
CA TYR A 260 26.88 -8.00 11.99
C TYR A 260 28.40 -7.86 12.04
N SER A 261 28.89 -6.63 12.23
CA SER A 261 30.33 -6.40 12.25
C SER A 261 31.02 -7.25 13.30
N LEU A 262 30.38 -7.43 14.45
CA LEU A 262 30.96 -8.25 15.50
C LEU A 262 30.64 -9.72 15.37
N THR A 263 29.62 -10.07 14.59
CA THR A 263 29.13 -11.44 14.53
C THR A 263 29.29 -12.10 13.17
N VAL A 264 29.93 -11.44 12.22
CA VAL A 264 30.10 -12.02 10.89
C VAL A 264 30.86 -13.33 11.00
N PRO A 265 30.26 -14.44 10.54
CA PRO A 265 30.94 -15.75 10.66
C PRO A 265 32.32 -15.77 10.04
N PHE A 266 32.43 -15.38 8.78
CA PHE A 266 33.69 -15.40 8.05
C PHE A 266 34.07 -13.94 7.77
N GLU A 267 34.98 -13.44 8.60
CA GLU A 267 35.29 -12.02 8.71
C GLU A 267 36.16 -11.51 7.57
N HIS A 268 36.58 -12.38 6.65
CA HIS A 268 37.51 -11.99 5.59
C HIS A 268 37.02 -12.34 4.19
N LYS A 269 35.79 -12.85 4.05
CA LYS A 269 35.31 -13.16 2.71
C LYS A 269 34.62 -11.95 2.08
N PRO A 270 34.68 -11.81 0.75
CA PRO A 270 34.14 -10.60 0.11
C PRO A 270 32.63 -10.57 0.20
N SER A 271 32.12 -9.42 0.65
CA SER A 271 30.68 -9.19 0.65
C SER A 271 30.25 -8.65 -0.71
N ILE A 272 29.08 -9.08 -1.16
CA ILE A 272 28.59 -8.70 -2.49
C ILE A 272 28.06 -7.28 -2.44
N ASP A 273 28.80 -6.34 -3.03
CA ASP A 273 28.38 -4.94 -3.12
C ASP A 273 28.66 -4.51 -4.55
N VAL A 274 27.63 -4.48 -5.39
CA VAL A 274 27.79 -4.13 -6.80
C VAL A 274 27.73 -2.64 -7.04
N THR A 275 27.64 -1.82 -5.97
CA THR A 275 27.60 -0.38 -6.11
C THR A 275 28.79 0.16 -6.89
N GLU A 276 29.94 -0.51 -6.79
CA GLU A 276 31.13 -0.05 -7.50
C GLU A 276 30.99 -0.26 -9.00
N LYS A 277 30.39 -1.38 -9.41
CA LYS A 277 30.24 -1.67 -10.83
C LYS A 277 29.14 -0.84 -11.48
N MET A 278 28.06 -0.52 -10.75
CA MET A 278 27.04 0.38 -11.29
C MET A 278 27.64 1.76 -11.58
N GLU A 279 28.42 2.30 -10.64
CA GLU A 279 29.15 3.53 -10.92
C GLU A 279 30.14 3.35 -12.05
N ASN A 280 30.72 2.15 -12.19
CA ASN A 280 31.68 1.92 -13.27
C ASN A 280 31.01 1.88 -14.65
N GLN A 281 29.71 1.58 -14.73
CA GLN A 281 29.05 1.44 -16.02
C GLN A 281 28.08 2.59 -16.31
N SER A 282 28.23 3.74 -15.66
CA SER A 282 27.47 4.95 -15.97
C SER A 282 25.96 4.71 -15.88
N TRP A 283 25.54 3.99 -14.85
CA TRP A 283 24.13 3.85 -14.53
C TRP A 283 23.64 5.09 -13.80
N ASP A 284 22.38 5.46 -14.03
CA ASP A 284 21.73 6.50 -13.24
C ASP A 284 20.41 5.98 -12.71
N ALA A 285 19.67 6.86 -12.02
CA ALA A 285 18.40 6.46 -11.41
C ALA A 285 17.44 5.90 -12.45
N GLU A 286 17.35 6.57 -13.60
CA GLU A 286 16.54 6.07 -14.70
C GLU A 286 16.93 4.65 -15.06
N ARG A 287 18.22 4.34 -15.05
CA ARG A 287 18.66 2.99 -15.38
C ARG A 287 18.24 1.98 -14.32
N ILE A 288 18.34 2.36 -13.03
CA ILE A 288 17.95 1.45 -11.96
C ILE A 288 16.48 1.08 -12.08
N PHE A 289 15.62 2.07 -12.26
CA PHE A 289 14.19 1.81 -12.33
C PHE A 289 13.83 1.13 -13.64
N LYS A 290 14.54 1.43 -14.73
CA LYS A 290 14.34 0.69 -15.97
C LYS A 290 14.66 -0.80 -15.77
N GLU A 291 15.73 -1.10 -15.04
CA GLU A 291 16.08 -2.49 -14.78
C GLU A 291 15.06 -3.17 -13.88
N ALA A 292 14.50 -2.43 -12.92
CA ALA A 292 13.44 -3.00 -12.08
C ALA A 292 12.20 -3.31 -12.91
N GLU A 293 11.81 -2.36 -13.77
CA GLU A 293 10.75 -2.59 -14.74
C GLU A 293 11.01 -3.85 -15.55
N LYS A 294 12.25 -4.00 -16.04
CA LYS A 294 12.61 -5.15 -16.84
C LYS A 294 12.49 -6.44 -16.05
N PHE A 295 12.90 -6.41 -14.77
CA PHE A 295 12.74 -7.56 -13.89
C PHE A 295 11.28 -7.98 -13.82
N PHE A 296 10.40 -7.05 -13.47
CA PHE A 296 8.99 -7.39 -13.36
C PHE A 296 8.43 -7.89 -14.69
N VAL A 297 8.78 -7.23 -15.80
CA VAL A 297 8.22 -7.60 -17.10
C VAL A 297 8.71 -8.98 -17.52
N SER A 298 9.97 -9.31 -17.19
CA SER A 298 10.46 -10.66 -17.39
C SER A 298 9.55 -11.69 -16.75
N ILE A 299 8.82 -11.29 -15.71
CA ILE A 299 7.96 -12.20 -14.98
C ILE A 299 6.50 -12.01 -15.40
N SER A 300 6.28 -11.51 -16.62
CA SER A 300 4.96 -11.30 -17.21
C SER A 300 4.15 -10.24 -16.47
N LEU A 301 4.83 -9.26 -15.85
CA LEU A 301 4.22 -8.13 -15.17
C LEU A 301 4.22 -6.90 -16.09
N PRO A 302 3.21 -6.04 -15.98
CA PRO A 302 3.08 -4.94 -16.94
C PRO A 302 4.16 -3.89 -16.75
N TYR A 303 4.32 -3.06 -17.78
CA TYR A 303 5.25 -1.95 -17.75
C TYR A 303 4.68 -0.81 -16.88
N MET A 304 5.57 0.12 -16.51
CA MET A 304 5.14 1.29 -15.78
C MET A 304 4.45 2.26 -16.73
N THR A 305 3.28 2.75 -16.33
CA THR A 305 2.60 3.78 -17.10
C THR A 305 3.55 4.93 -17.38
N GLN A 306 3.40 5.56 -18.55
CA GLN A 306 4.26 6.70 -18.85
C GLN A 306 4.02 7.85 -17.88
N GLY A 307 2.81 7.96 -17.34
CA GLY A 307 2.56 8.92 -16.28
C GLY A 307 3.42 8.67 -15.06
N PHE A 308 3.75 7.40 -14.80
CA PHE A 308 4.71 7.07 -13.76
C PHE A 308 6.07 7.68 -14.06
N TRP A 309 6.62 7.38 -15.24
CA TRP A 309 7.91 7.93 -15.63
C TRP A 309 7.89 9.45 -15.74
N ASP A 310 6.73 10.05 -15.95
CA ASP A 310 6.63 11.49 -16.09
C ASP A 310 6.43 12.20 -14.75
N ASN A 311 5.87 11.50 -13.76
CA ASN A 311 5.43 12.14 -12.53
C ASN A 311 6.20 11.70 -11.30
N SER A 312 7.04 10.67 -11.39
CA SER A 312 7.78 10.22 -10.22
C SER A 312 9.03 11.06 -10.02
N MET A 313 9.38 11.25 -8.75
CA MET A 313 10.64 11.87 -8.35
C MET A 313 11.62 10.76 -8.00
N LEU A 314 12.57 10.50 -8.88
CA LEU A 314 13.54 9.44 -8.69
C LEU A 314 14.95 9.96 -8.41
N THR A 315 15.15 11.26 -8.43
CA THR A 315 16.42 11.85 -8.08
C THR A 315 16.18 12.96 -7.06
N GLU A 316 17.16 13.18 -6.18
CA GLU A 316 17.19 14.38 -5.36
C GLU A 316 16.79 15.57 -6.24
N PRO A 317 15.64 16.19 -5.97
CA PRO A 317 15.17 17.28 -6.85
C PRO A 317 16.27 18.27 -7.17
N GLY A 318 16.94 18.76 -6.15
CA GLY A 318 18.08 19.67 -6.39
C GLY A 318 17.76 20.60 -7.53
N ASP A 319 16.60 21.26 -7.47
CA ASP A 319 16.22 22.24 -8.50
C ASP A 319 15.74 23.50 -7.79
N GLY A 320 14.52 23.46 -7.25
CA GLY A 320 13.97 24.65 -6.57
C GLY A 320 13.28 24.29 -5.27
N ARG A 321 13.62 23.16 -4.65
CA ARG A 321 12.86 22.76 -3.43
C ARG A 321 13.58 21.65 -2.66
N LYS A 322 12.98 21.18 -1.57
CA LYS A 322 13.57 20.11 -0.74
C LYS A 322 12.55 18.99 -0.62
N VAL A 323 12.95 17.78 -0.21
CA VAL A 323 12.00 16.67 -0.22
C VAL A 323 12.26 15.73 0.95
N VAL A 324 11.17 15.27 1.57
CA VAL A 324 11.22 14.14 2.51
C VAL A 324 11.66 12.92 1.73
N CYS A 325 12.91 12.49 1.94
CA CYS A 325 13.55 11.50 1.08
C CYS A 325 13.26 10.06 1.47
N HIS A 326 12.23 9.81 2.28
CA HIS A 326 11.89 8.46 2.68
C HIS A 326 11.23 7.76 1.50
N PRO A 327 11.84 6.71 0.94
CA PRO A 327 11.30 6.10 -0.30
C PRO A 327 9.90 5.56 -0.10
N THR A 328 8.95 6.13 -0.84
CA THR A 328 7.55 5.76 -0.77
C THR A 328 7.03 5.44 -2.16
N ALA A 329 6.11 4.49 -2.24
CA ALA A 329 5.38 4.17 -3.47
C ALA A 329 3.97 4.71 -3.35
N TRP A 330 3.58 5.56 -4.30
CA TRP A 330 2.30 6.27 -4.24
C TRP A 330 1.29 5.64 -5.19
N ASP A 331 0.07 5.46 -4.69
CA ASP A 331 -1.09 5.13 -5.53
C ASP A 331 -2.10 6.23 -5.26
N LEU A 332 -1.94 7.36 -5.96
CA LEU A 332 -2.85 8.48 -5.74
C LEU A 332 -4.26 8.16 -6.22
N GLY A 333 -4.42 7.19 -7.12
CA GLY A 333 -5.71 6.80 -7.65
C GLY A 333 -5.87 7.22 -9.11
N LYS A 334 -7.01 6.84 -9.67
CA LYS A 334 -7.36 7.18 -11.06
C LYS A 334 -6.25 6.75 -12.02
N GLY A 335 -5.58 5.64 -11.72
CA GLY A 335 -4.51 5.14 -12.55
C GLY A 335 -3.20 5.89 -12.43
N ASP A 336 -3.06 6.77 -11.44
CA ASP A 336 -1.82 7.52 -11.25
C ASP A 336 -0.98 6.77 -10.23
N PHE A 337 0.20 6.33 -10.66
CA PHE A 337 1.14 5.60 -9.81
C PHE A 337 2.50 6.27 -9.88
N ARG A 338 3.12 6.50 -8.72
CA ARG A 338 4.37 7.24 -8.63
C ARG A 338 5.26 6.66 -7.54
N ILE A 339 6.54 7.02 -7.62
CA ILE A 339 7.54 6.62 -6.63
C ILE A 339 8.33 7.86 -6.21
N LYS A 340 8.29 8.17 -4.91
CA LYS A 340 9.29 9.04 -4.32
C LYS A 340 10.53 8.24 -3.95
N MET A 341 11.69 8.70 -4.40
CA MET A 341 12.97 8.18 -3.92
C MET A 341 14.14 9.09 -4.31
N CYS A 342 14.86 9.60 -3.31
CA CYS A 342 16.08 10.38 -3.56
C CYS A 342 17.21 9.41 -3.85
N THR A 343 17.21 8.87 -5.07
CA THR A 343 17.98 7.68 -5.39
C THR A 343 19.46 7.99 -5.58
N LYS A 344 20.30 7.15 -4.99
CA LYS A 344 21.73 7.11 -5.29
C LYS A 344 22.04 5.88 -6.12
N VAL A 345 23.19 5.90 -6.76
CA VAL A 345 23.59 4.78 -7.61
C VAL A 345 24.25 3.72 -6.75
N THR A 346 23.46 3.04 -5.93
CA THR A 346 23.96 2.05 -4.99
C THR A 346 23.14 0.78 -5.06
N MET A 347 23.77 -0.34 -4.68
CA MET A 347 23.08 -1.62 -4.64
C MET A 347 21.93 -1.60 -3.63
N ASP A 348 22.08 -0.82 -2.55
CA ASP A 348 21.00 -0.68 -1.59
C ASP A 348 19.80 0.03 -2.22
N ASP A 349 20.05 1.15 -2.90
CA ASP A 349 18.96 1.87 -3.56
C ASP A 349 18.43 1.09 -4.75
N PHE A 350 19.25 0.25 -5.38
CA PHE A 350 18.80 -0.61 -6.46
C PHE A 350 17.74 -1.60 -5.96
N LEU A 351 18.06 -2.35 -4.91
CA LEU A 351 17.10 -3.26 -4.31
C LEU A 351 15.88 -2.50 -3.77
N THR A 352 16.11 -1.31 -3.23
CA THR A 352 15.00 -0.50 -2.73
C THR A 352 14.06 -0.08 -3.86
N ALA A 353 14.64 0.22 -5.03
CA ALA A 353 13.82 0.53 -6.19
C ALA A 353 12.97 -0.68 -6.59
N HIS A 354 13.57 -1.88 -6.58
CA HIS A 354 12.76 -3.07 -6.82
C HIS A 354 11.64 -3.21 -5.80
N HIS A 355 11.94 -2.96 -4.52
CA HIS A 355 10.93 -3.10 -3.48
C HIS A 355 9.77 -2.11 -3.69
N GLU A 356 10.09 -0.86 -3.94
CA GLU A 356 9.06 0.16 -4.09
C GLU A 356 8.27 -0.06 -5.38
N MET A 357 8.94 -0.45 -6.46
CA MET A 357 8.22 -0.79 -7.67
C MET A 357 7.36 -2.05 -7.50
N GLY A 358 7.70 -2.92 -6.54
CA GLY A 358 6.81 -4.02 -6.23
C GLY A 358 5.56 -3.54 -5.51
N HIS A 359 5.71 -2.59 -4.58
CA HIS A 359 4.53 -1.89 -4.06
C HIS A 359 3.69 -1.32 -5.20
N ILE A 360 4.35 -0.72 -6.19
CA ILE A 360 3.65 -0.17 -7.34
C ILE A 360 2.93 -1.26 -8.12
N GLN A 361 3.56 -2.41 -8.29
CA GLN A 361 2.96 -3.52 -9.02
C GLN A 361 1.70 -3.99 -8.31
N TYR A 362 1.78 -4.15 -6.99
CA TYR A 362 0.61 -4.51 -6.19
C TYR A 362 -0.50 -3.49 -6.37
N ASP A 363 -0.15 -2.20 -6.35
CA ASP A 363 -1.16 -1.15 -6.55
C ASP A 363 -1.81 -1.26 -7.93
N MET A 364 -1.00 -1.41 -8.97
CA MET A 364 -1.53 -1.44 -10.33
C MET A 364 -2.39 -2.67 -10.59
N ALA A 365 -2.08 -3.78 -9.92
CA ALA A 365 -2.84 -5.01 -10.17
C ALA A 365 -4.29 -4.85 -9.74
N TYR A 366 -4.52 -4.35 -8.53
CA TYR A 366 -5.87 -4.25 -7.99
C TYR A 366 -6.50 -2.89 -8.23
N ALA A 367 -6.01 -2.12 -9.20
CA ALA A 367 -6.64 -0.85 -9.52
C ALA A 367 -8.07 -1.02 -10.02
N ALA A 368 -8.41 -2.20 -10.53
CA ALA A 368 -9.76 -2.47 -11.01
C ALA A 368 -10.74 -2.79 -9.87
N GLN A 369 -10.29 -2.62 -8.63
CA GLN A 369 -11.17 -2.88 -7.47
C GLN A 369 -11.88 -1.59 -7.06
N PRO A 370 -12.87 -1.59 -6.13
CA PRO A 370 -13.66 -0.40 -5.83
C PRO A 370 -13.12 0.60 -4.81
N TYR A 371 -11.84 0.92 -4.88
CA TYR A 371 -11.21 1.85 -3.90
C TYR A 371 -11.11 1.19 -2.52
N LEU A 372 -12.24 1.04 -1.81
CA LEU A 372 -12.26 0.46 -0.44
C LEU A 372 -11.53 -0.89 -0.40
N LEU A 373 -11.54 -1.68 -1.48
CA LEU A 373 -10.80 -2.92 -1.55
C LEU A 373 -9.45 -2.77 -2.25
N ARG A 374 -9.03 -1.54 -2.55
CA ARG A 374 -7.73 -1.28 -3.17
C ARG A 374 -6.70 -1.22 -2.04
N ASN A 375 -6.17 -2.38 -1.67
CA ASN A 375 -5.21 -2.48 -0.57
C ASN A 375 -4.66 -3.90 -0.56
N GLY A 376 -3.59 -4.10 0.20
CA GLY A 376 -3.13 -5.45 0.44
C GLY A 376 -4.20 -6.27 1.13
N ALA A 377 -4.14 -7.60 0.93
CA ALA A 377 -5.14 -8.49 1.49
C ALA A 377 -5.35 -8.22 2.99
N ASN A 378 -4.26 -8.27 3.76
CA ASN A 378 -4.25 -7.66 5.09
C ASN A 378 -3.05 -6.73 5.23
N GLU A 379 -2.72 -6.35 6.46
CA GLU A 379 -1.75 -5.28 6.65
C GLU A 379 -0.35 -5.69 6.23
N GLY A 380 -0.02 -6.98 6.25
CA GLY A 380 1.34 -7.40 5.98
C GLY A 380 1.62 -7.86 4.56
N PHE A 381 0.59 -7.94 3.73
CA PHE A 381 0.79 -8.45 2.38
C PHE A 381 1.64 -7.51 1.52
N HIS A 382 1.41 -6.20 1.65
CA HIS A 382 2.06 -5.24 0.76
C HIS A 382 3.58 -5.31 0.91
N GLU A 383 4.06 -5.21 2.16
CA GLU A 383 5.49 -5.25 2.38
C GLU A 383 6.10 -6.60 2.03
N ALA A 384 5.35 -7.69 2.14
CA ALA A 384 5.90 -8.99 1.76
C ALA A 384 6.12 -9.07 0.26
N VAL A 385 5.14 -8.59 -0.51
CA VAL A 385 5.28 -8.48 -1.96
C VAL A 385 6.48 -7.58 -2.29
N GLY A 386 6.70 -6.54 -1.48
CA GLY A 386 7.87 -5.70 -1.70
C GLY A 386 9.18 -6.42 -1.39
N GLU A 387 9.18 -7.24 -0.34
CA GLU A 387 10.42 -7.85 0.14
C GLU A 387 10.90 -8.97 -0.77
N ILE A 388 9.97 -9.76 -1.32
CA ILE A 388 10.38 -10.87 -2.18
C ILE A 388 11.11 -10.37 -3.42
N MET A 389 10.82 -9.15 -3.86
CA MET A 389 11.55 -8.58 -5.00
C MET A 389 13.01 -8.33 -4.65
N SER A 390 13.25 -7.70 -3.49
CA SER A 390 14.64 -7.50 -3.07
C SER A 390 15.35 -8.82 -2.86
N LEU A 391 14.65 -9.83 -2.35
CA LEU A 391 15.23 -11.17 -2.25
C LEU A 391 15.66 -11.68 -3.62
N SER A 392 14.76 -11.66 -4.60
CA SER A 392 15.09 -12.16 -5.93
C SER A 392 16.15 -11.32 -6.63
N ALA A 393 16.29 -10.05 -6.26
CA ALA A 393 17.22 -9.18 -6.98
C ALA A 393 18.60 -9.10 -6.34
N ALA A 394 18.73 -9.44 -5.06
CA ALA A 394 20.03 -9.44 -4.42
C ALA A 394 20.81 -10.73 -4.65
N THR A 395 20.29 -11.64 -5.47
CA THR A 395 20.91 -12.93 -5.70
C THR A 395 22.01 -12.84 -6.75
N PRO A 396 23.05 -13.68 -6.62
CA PRO A 396 24.11 -13.71 -7.65
C PRO A 396 23.57 -13.96 -9.05
N HIS A 397 22.69 -14.95 -9.17
CA HIS A 397 22.09 -15.29 -10.46
C HIS A 397 21.54 -14.08 -11.18
N TYR A 398 20.74 -13.27 -10.48
CA TYR A 398 20.22 -12.03 -11.02
C TYR A 398 21.32 -11.01 -11.30
N LEU A 399 22.17 -10.76 -10.30
CA LEU A 399 23.23 -9.77 -10.44
C LEU A 399 24.17 -10.12 -11.58
N LYS A 400 24.42 -11.41 -11.79
CA LYS A 400 25.20 -11.82 -12.95
C LYS A 400 24.40 -11.58 -14.23
N ALA A 401 23.13 -11.96 -14.21
CA ALA A 401 22.32 -11.95 -15.43
C ALA A 401 22.10 -10.55 -15.97
N LEU A 402 22.09 -9.57 -15.08
CA LEU A 402 21.95 -8.16 -15.54
C LEU A 402 23.34 -7.67 -15.90
N GLY A 403 24.36 -8.50 -15.61
CA GLY A 403 25.74 -8.14 -15.95
C GLY A 403 26.38 -7.26 -14.88
N LEU A 404 25.74 -7.13 -13.72
CA LEU A 404 26.32 -6.33 -12.62
C LEU A 404 27.33 -7.20 -11.88
N LEU A 405 27.47 -8.45 -12.30
CA LEU A 405 28.45 -9.38 -11.69
C LEU A 405 29.10 -10.18 -12.83
N ALA A 406 30.27 -10.76 -12.62
CA ALA A 406 30.92 -11.46 -13.72
C ALA A 406 30.14 -12.71 -14.10
N PRO A 407 30.10 -13.06 -15.39
CA PRO A 407 29.54 -14.36 -15.78
C PRO A 407 30.25 -15.53 -15.11
N ASP A 408 31.53 -15.36 -14.81
CA ASP A 408 32.26 -16.42 -14.09
C ASP A 408 31.98 -16.24 -12.60
N PHE A 409 31.41 -15.10 -12.23
CA PHE A 409 31.24 -14.82 -10.78
C PHE A 409 30.46 -15.96 -10.12
N HIS A 410 31.09 -16.61 -9.15
CA HIS A 410 30.36 -17.61 -8.36
C HIS A 410 30.17 -16.95 -7.01
N GLU A 411 29.91 -17.75 -5.96
CA GLU A 411 29.83 -17.20 -4.57
C GLU A 411 30.13 -18.34 -3.58
N ASP A 412 31.10 -18.19 -2.67
CA ASP A 412 31.54 -19.30 -1.78
C ASP A 412 30.66 -19.48 -0.53
N ASN A 413 30.27 -20.70 -0.21
CA ASN A 413 29.35 -20.85 0.96
C ASN A 413 29.73 -19.81 2.05
N GLU A 414 31.00 -19.64 2.40
CA GLU A 414 31.33 -18.60 3.41
C GLU A 414 30.50 -17.37 3.10
N THR A 415 30.72 -16.79 1.93
CA THR A 415 29.90 -15.67 1.47
C THR A 415 28.42 -15.93 1.70
N GLU A 416 27.92 -17.10 1.29
CA GLU A 416 26.51 -17.40 1.44
C GLU A 416 26.10 -17.47 2.90
N ILE A 417 26.93 -18.08 3.74
CA ILE A 417 26.58 -18.17 5.15
C ILE A 417 26.66 -16.79 5.80
N ASN A 418 27.59 -15.94 5.37
CA ASN A 418 27.59 -14.55 5.83
C ASN A 418 26.29 -13.86 5.48
N PHE A 419 25.84 -14.02 4.23
CA PHE A 419 24.60 -13.39 3.79
C PHE A 419 23.41 -13.89 4.59
N LEU A 420 23.33 -15.21 4.82
CA LEU A 420 22.23 -15.76 5.61
C LEU A 420 22.29 -15.26 7.05
N LEU A 421 23.48 -15.12 7.61
CA LEU A 421 23.58 -14.65 8.99
C LEU A 421 23.13 -13.20 9.11
N LYS A 422 23.49 -12.37 8.13
CA LYS A 422 22.99 -10.99 8.15
C LYS A 422 21.48 -10.95 8.00
N GLN A 423 20.95 -11.75 7.08
CA GLN A 423 19.51 -11.83 6.89
C GLN A 423 18.81 -12.24 8.18
N ALA A 424 19.40 -13.18 8.93
CA ALA A 424 18.79 -13.62 10.18
C ALA A 424 18.90 -12.54 11.26
N LEU A 425 20.04 -11.86 11.33
CA LEU A 425 20.18 -10.76 12.28
C LEU A 425 19.08 -9.71 12.09
N THR A 426 18.72 -9.44 10.84
CA THR A 426 17.64 -8.45 10.65
C THR A 426 16.26 -9.08 10.80
N ILE A 427 16.03 -10.23 10.18
CA ILE A 427 14.70 -10.81 10.00
C ILE A 427 14.32 -11.67 11.21
N VAL A 428 15.15 -12.66 11.52
CA VAL A 428 14.87 -13.52 12.66
C VAL A 428 14.99 -12.74 13.97
N GLY A 429 15.91 -11.77 14.01
CA GLY A 429 16.14 -11.03 15.24
C GLY A 429 14.94 -10.21 15.68
N THR A 430 14.16 -9.73 14.73
CA THR A 430 13.01 -8.90 15.06
C THR A 430 11.77 -9.73 15.41
N LEU A 431 11.77 -11.02 15.10
CA LEU A 431 10.57 -11.83 15.33
C LEU A 431 10.23 -11.99 16.81
N PRO A 432 11.14 -12.39 17.71
CA PRO A 432 10.75 -12.49 19.12
C PRO A 432 10.50 -11.15 19.76
N PHE A 433 11.36 -10.16 19.48
CA PHE A 433 11.10 -8.79 19.86
C PHE A 433 9.65 -8.38 19.57
N THR A 434 9.22 -8.60 18.32
CA THR A 434 7.92 -8.13 17.89
C THR A 434 6.80 -8.95 18.51
N TYR A 435 6.93 -10.28 18.46
CA TYR A 435 5.94 -11.15 19.09
C TYR A 435 5.71 -10.75 20.54
N MET A 436 6.79 -10.50 21.28
CA MET A 436 6.65 -10.24 22.71
C MET A 436 6.12 -8.84 22.96
N LEU A 437 6.58 -7.84 22.20
CA LEU A 437 6.01 -6.50 22.31
C LEU A 437 4.50 -6.55 22.14
N GLU A 438 4.04 -7.18 21.06
CA GLU A 438 2.61 -7.20 20.81
C GLU A 438 1.85 -8.08 21.80
N LYS A 439 2.48 -9.15 22.29
CA LYS A 439 1.83 -9.96 23.31
C LYS A 439 1.64 -9.16 24.60
N TRP A 440 2.64 -8.35 24.97
CA TRP A 440 2.52 -7.52 26.16
C TRP A 440 1.45 -6.45 25.99
N ARG A 441 1.44 -5.76 24.85
CA ARG A 441 0.38 -4.79 24.60
C ARG A 441 -1.00 -5.45 24.65
N TRP A 442 -1.14 -6.60 23.97
CA TRP A 442 -2.41 -7.30 23.94
C TRP A 442 -2.89 -7.64 25.35
N MET A 443 -1.99 -8.16 26.19
CA MET A 443 -2.39 -8.53 27.54
C MET A 443 -2.70 -7.30 28.37
N VAL A 444 -1.95 -6.22 28.17
CA VAL A 444 -2.26 -4.97 28.88
C VAL A 444 -3.65 -4.50 28.54
N PHE A 445 -4.01 -4.52 27.26
CA PHE A 445 -5.35 -4.11 26.86
C PHE A 445 -6.40 -5.05 27.43
N LYS A 446 -6.12 -6.37 27.39
CA LYS A 446 -7.04 -7.35 27.94
C LYS A 446 -7.18 -7.23 29.45
N GLY A 447 -6.25 -6.54 30.10
CA GLY A 447 -6.26 -6.40 31.54
C GLY A 447 -5.46 -7.43 32.30
N GLU A 448 -4.86 -8.40 31.60
CA GLU A 448 -4.13 -9.48 32.24
C GLU A 448 -2.86 -9.02 32.94
N ILE A 449 -2.55 -7.72 32.89
CA ILE A 449 -1.40 -7.17 33.58
C ILE A 449 -1.88 -5.97 34.39
N PRO A 450 -1.81 -5.99 35.71
CA PRO A 450 -2.13 -4.79 36.50
C PRO A 450 -1.17 -3.65 36.19
N LYS A 451 -1.69 -2.42 36.33
CA LYS A 451 -0.87 -1.25 36.06
C LYS A 451 0.44 -1.29 36.86
N GLN A 452 0.38 -1.79 38.08
CA GLN A 452 1.51 -1.81 39.00
C GLN A 452 2.49 -2.94 38.72
N GLN A 453 2.27 -3.73 37.66
CA GLN A 453 3.23 -4.79 37.22
C GLN A 453 3.57 -4.51 35.76
N TRP A 454 3.16 -3.35 35.27
CA TRP A 454 3.31 -3.03 33.83
C TRP A 454 4.71 -3.29 33.32
N MET A 455 5.72 -2.73 33.96
CA MET A 455 7.06 -2.98 33.41
C MET A 455 7.55 -4.33 33.96
N GLU A 456 7.30 -4.61 35.24
CA GLU A 456 7.73 -5.88 35.82
C GLU A 456 7.37 -7.05 34.92
N LYS A 457 6.23 -6.97 34.22
CA LYS A 457 5.92 -8.02 33.25
C LYS A 457 6.79 -7.89 32.00
N TRP A 458 6.82 -6.68 31.43
CA TRP A 458 7.59 -6.39 30.22
C TRP A 458 8.95 -7.07 30.26
N TRP A 459 9.76 -6.74 31.27
CA TRP A 459 11.12 -7.24 31.31
C TRP A 459 11.17 -8.73 31.62
N GLU A 460 10.23 -9.25 32.43
CA GLU A 460 10.10 -10.70 32.52
C GLU A 460 9.92 -11.30 31.14
N MET A 461 9.04 -10.71 30.34
CA MET A 461 8.85 -11.16 28.97
C MET A 461 10.02 -10.80 28.07
N LYS A 462 10.84 -9.82 28.43
CA LYS A 462 12.14 -9.66 27.77
C LYS A 462 13.09 -10.78 28.15
N ARG A 463 13.04 -11.24 29.40
CA ARG A 463 13.92 -12.32 29.80
C ARG A 463 13.43 -13.65 29.23
N GLU A 464 12.12 -13.85 29.21
CA GLU A 464 11.55 -15.15 28.88
C GLU A 464 11.47 -15.38 27.37
N ILE A 465 10.91 -14.43 26.64
CA ILE A 465 10.56 -14.66 25.24
C ILE A 465 11.69 -14.27 24.30
N VAL A 466 12.33 -13.13 24.54
CA VAL A 466 13.37 -12.62 23.64
C VAL A 466 14.78 -12.90 24.16
N GLY A 467 14.92 -13.37 25.39
CA GLY A 467 16.25 -13.65 25.92
C GLY A 467 17.09 -12.40 26.05
N VAL A 468 16.51 -11.33 26.57
CA VAL A 468 17.18 -10.04 26.66
C VAL A 468 16.90 -9.46 28.05
N VAL A 469 17.94 -9.11 28.76
CA VAL A 469 17.81 -8.58 30.12
C VAL A 469 18.10 -7.10 30.10
N GLU A 470 17.39 -6.35 30.93
CA GLU A 470 17.66 -4.94 31.08
C GLU A 470 18.93 -4.73 31.90
N PRO A 471 19.74 -3.72 31.58
CA PRO A 471 20.98 -3.50 32.32
C PRO A 471 20.80 -2.69 33.60
N LEU A 472 19.58 -2.25 33.91
CA LEU A 472 19.28 -1.43 35.07
C LEU A 472 17.87 -1.74 35.55
N PRO A 473 17.61 -1.76 36.88
CA PRO A 473 16.28 -2.12 37.38
C PRO A 473 15.27 -1.03 37.05
N HIS A 474 14.11 -1.40 36.54
CA HIS A 474 13.11 -0.39 36.12
C HIS A 474 11.82 -0.52 36.92
N ASP A 475 11.38 0.57 37.54
CA ASP A 475 10.13 0.55 38.34
C ASP A 475 9.01 1.12 37.49
N GLU A 476 7.77 1.07 37.99
CA GLU A 476 6.63 1.50 37.15
C GLU A 476 6.73 2.97 36.75
N THR A 477 7.72 3.72 37.27
CA THR A 477 7.81 5.08 36.75
C THR A 477 8.21 5.11 35.29
N TYR A 478 8.74 4.00 34.78
CA TYR A 478 9.13 3.86 33.39
C TYR A 478 7.95 3.40 32.54
N CYS A 479 8.12 3.51 31.23
CA CYS A 479 7.23 2.86 30.25
C CYS A 479 8.08 2.59 29.01
N ASP A 480 8.99 1.63 29.15
CA ASP A 480 9.95 1.27 28.11
C ASP A 480 9.32 0.68 26.85
N PRO A 481 8.08 0.14 26.90
CA PRO A 481 7.35 -0.10 25.65
C PRO A 481 7.20 1.18 24.83
N ALA A 482 6.52 2.17 25.43
CA ALA A 482 6.22 3.42 24.73
C ALA A 482 7.47 4.10 24.17
N CYS A 483 8.67 3.69 24.59
CA CYS A 483 9.89 4.24 24.05
C CYS A 483 10.12 3.87 22.59
N LEU A 484 9.22 3.14 21.96
CA LEU A 484 9.34 2.84 20.54
C LEU A 484 8.28 3.62 19.76
N PHE A 485 8.68 4.12 18.59
CA PHE A 485 7.85 4.90 17.68
C PHE A 485 6.44 4.35 17.54
N HIS A 486 6.32 3.03 17.52
CA HIS A 486 5.03 2.41 17.22
C HIS A 486 4.11 2.40 18.44
N VAL A 487 4.67 2.20 19.63
CA VAL A 487 3.86 2.13 20.83
C VAL A 487 3.45 3.51 21.30
N ALA A 488 4.35 4.49 21.18
CA ALA A 488 4.02 5.85 21.57
C ALA A 488 2.99 6.46 20.66
N GLU A 489 2.84 5.97 19.42
CA GLU A 489 2.01 6.61 18.42
C GLU A 489 0.93 5.68 17.86
N ASP A 490 0.58 4.63 18.61
CA ASP A 490 -0.68 3.90 18.44
C ASP A 490 -0.73 3.22 17.07
N TYR A 491 0.14 2.22 16.93
CA TYR A 491 0.18 1.37 15.74
C TYR A 491 0.21 -0.09 16.15
N SER A 492 -0.58 -0.89 15.47
CA SER A 492 -0.51 -2.33 15.66
C SER A 492 0.84 -2.82 15.14
N PHE A 493 1.44 -3.75 15.86
CA PHE A 493 2.81 -4.17 15.59
C PHE A 493 2.92 -5.55 14.96
N ILE A 494 1.94 -6.42 15.15
CA ILE A 494 1.99 -7.80 14.68
C ILE A 494 2.17 -7.87 13.17
N ARG A 495 2.00 -6.72 12.48
CA ARG A 495 2.13 -6.71 11.04
C ARG A 495 3.52 -7.12 10.59
N TYR A 496 4.54 -6.91 11.42
CA TYR A 496 5.89 -7.26 11.02
C TYR A 496 6.13 -8.77 11.12
N TYR A 497 5.63 -9.39 12.19
CA TYR A 497 5.71 -10.85 12.32
C TYR A 497 4.99 -11.55 11.17
N THR A 498 3.73 -11.17 10.93
CA THR A 498 2.95 -11.76 9.85
C THR A 498 3.58 -11.47 8.49
N ARG A 499 4.09 -10.25 8.29
CA ARG A 499 4.74 -9.91 7.02
C ARG A 499 5.97 -10.78 6.79
N THR A 500 6.77 -10.99 7.83
CA THR A 500 7.94 -11.86 7.72
C THR A 500 7.52 -13.26 7.29
N ILE A 501 6.50 -13.84 7.94
CA ILE A 501 6.14 -15.21 7.56
C ILE A 501 5.54 -15.26 6.15
N TYR A 502 4.73 -14.25 5.81
CA TYR A 502 4.11 -14.22 4.49
C TYR A 502 5.15 -14.14 3.39
N GLN A 503 6.18 -13.31 3.57
CA GLN A 503 7.12 -13.10 2.48
C GLN A 503 7.85 -14.38 2.13
N PHE A 504 8.10 -15.24 3.13
CA PHE A 504 8.79 -16.50 2.81
C PHE A 504 7.85 -17.58 2.30
N GLN A 505 6.61 -17.65 2.81
CA GLN A 505 5.63 -18.48 2.09
C GLN A 505 5.57 -18.09 0.62
N PHE A 506 5.50 -16.79 0.34
CA PHE A 506 5.42 -16.29 -1.04
C PHE A 506 6.65 -16.68 -1.84
N HIS A 507 7.84 -16.39 -1.30
CA HIS A 507 9.05 -16.56 -2.08
C HIS A 507 9.30 -18.04 -2.34
N GLU A 508 9.00 -18.91 -1.36
CA GLU A 508 9.08 -20.35 -1.59
C GLU A 508 8.10 -20.78 -2.68
N ALA A 509 6.86 -20.31 -2.61
CA ALA A 509 5.87 -20.73 -3.60
C ALA A 509 6.28 -20.31 -5.00
N LEU A 510 6.69 -19.05 -5.16
CA LEU A 510 7.06 -18.57 -6.50
C LEU A 510 8.35 -19.21 -6.99
N CYS A 511 9.25 -19.60 -6.09
CA CYS A 511 10.44 -20.30 -6.55
C CYS A 511 10.13 -21.73 -6.94
N LYS A 512 9.12 -22.35 -6.31
CA LYS A 512 8.67 -23.66 -6.80
C LYS A 512 8.06 -23.53 -8.19
N THR A 513 7.11 -22.62 -8.37
CA THR A 513 6.51 -22.47 -9.70
C THR A 513 7.55 -22.01 -10.72
N ALA A 514 8.63 -21.38 -10.27
CA ALA A 514 9.73 -21.00 -11.15
C ALA A 514 10.55 -22.20 -11.60
N LYS A 515 10.33 -23.37 -11.00
CA LYS A 515 11.17 -24.55 -11.21
C LYS A 515 12.60 -24.27 -10.73
N HIS A 516 12.71 -23.74 -9.52
CA HIS A 516 14.01 -23.37 -8.97
C HIS A 516 14.67 -24.56 -8.27
N GLU A 517 15.91 -24.85 -8.67
CA GLU A 517 16.68 -25.92 -8.08
C GLU A 517 17.58 -25.38 -6.97
N GLY A 518 17.90 -26.25 -6.02
CA GLY A 518 18.84 -25.88 -4.98
C GLY A 518 18.21 -25.19 -3.80
N ALA A 519 19.06 -24.56 -2.99
CA ALA A 519 18.61 -23.86 -1.81
C ALA A 519 17.76 -22.65 -2.19
N LEU A 520 16.82 -22.30 -1.30
CA LEU A 520 15.75 -21.38 -1.65
C LEU A 520 16.17 -19.90 -1.65
N PHE A 521 17.30 -19.58 -1.04
CA PHE A 521 17.62 -18.13 -0.97
C PHE A 521 18.02 -17.58 -2.34
N LYS A 522 18.95 -18.22 -3.03
CA LYS A 522 19.47 -17.66 -4.30
C LYS A 522 18.42 -17.63 -5.40
N CYS A 523 17.27 -18.27 -5.19
CA CYS A 523 16.27 -18.38 -6.30
C CYS A 523 15.99 -17.02 -6.94
N ASP A 524 16.13 -16.92 -8.25
CA ASP A 524 15.70 -15.70 -8.97
C ASP A 524 14.29 -16.05 -9.42
N ILE A 525 13.39 -15.08 -9.52
CA ILE A 525 12.05 -15.40 -10.10
C ILE A 525 12.04 -14.83 -11.51
N SER A 526 13.15 -14.23 -11.91
CA SER A 526 13.18 -13.54 -13.22
C SER A 526 12.90 -14.57 -14.32
N ASN A 527 12.16 -14.15 -15.34
CA ASN A 527 11.88 -15.05 -16.50
C ASN A 527 10.94 -16.18 -16.10
N SER A 528 10.61 -16.29 -14.81
CA SER A 528 9.63 -17.32 -14.41
C SER A 528 8.23 -16.75 -14.58
N THR A 529 7.79 -16.61 -15.82
CA THR A 529 6.44 -16.08 -16.10
C THR A 529 5.45 -16.74 -15.16
N GLU A 530 5.46 -18.07 -15.12
CA GLU A 530 4.47 -18.79 -14.31
C GLU A 530 4.43 -18.27 -12.89
N ALA A 531 5.59 -17.94 -12.31
CA ALA A 531 5.60 -17.40 -10.95
C ALA A 531 4.88 -16.05 -10.88
N GLY A 532 5.10 -15.20 -11.88
CA GLY A 532 4.42 -13.91 -11.89
C GLY A 532 2.92 -14.05 -12.06
N GLN A 533 2.49 -15.04 -12.85
CA GLN A 533 1.06 -15.29 -13.00
C GLN A 533 0.44 -15.77 -11.69
N ARG A 534 1.12 -16.72 -11.03
CA ARG A 534 0.65 -17.17 -9.72
C ARG A 534 0.58 -16.01 -8.74
N LEU A 535 1.53 -15.08 -8.83
CA LEU A 535 1.53 -13.92 -7.94
C LEU A 535 0.40 -12.96 -8.26
N LEU A 536 0.15 -12.72 -9.55
CA LEU A 536 -0.93 -11.81 -9.95
C LEU A 536 -2.29 -12.34 -9.55
N GLN A 537 -2.48 -13.66 -9.61
CA GLN A 537 -3.76 -14.21 -9.15
C GLN A 537 -4.03 -13.91 -7.68
N MET A 538 -3.07 -13.37 -6.95
CA MET A 538 -3.29 -12.82 -5.61
C MET A 538 -3.29 -11.30 -5.62
N LEU A 539 -2.36 -10.68 -6.35
CA LEU A 539 -2.24 -9.22 -6.35
C LEU A 539 -3.53 -8.55 -6.82
N ARG A 540 -4.10 -9.02 -7.93
CA ARG A 540 -5.30 -8.38 -8.46
C ARG A 540 -6.49 -8.51 -7.52
N LEU A 541 -6.41 -9.38 -6.50
CA LEU A 541 -7.51 -9.51 -5.56
C LEU A 541 -7.63 -8.27 -4.69
N GLY A 542 -6.50 -7.67 -4.32
CA GLY A 542 -6.54 -6.64 -3.30
C GLY A 542 -7.04 -7.25 -2.01
N LYS A 543 -8.06 -6.62 -1.42
CA LYS A 543 -8.78 -7.20 -0.30
C LYS A 543 -10.23 -7.47 -0.67
N SER A 544 -10.47 -7.79 -1.94
CA SER A 544 -11.82 -8.17 -2.34
C SER A 544 -12.17 -9.59 -1.92
N GLU A 545 -11.18 -10.38 -1.55
CA GLU A 545 -11.36 -11.74 -1.06
C GLU A 545 -10.63 -11.89 0.27
N PRO A 546 -11.01 -12.90 1.07
CA PRO A 546 -10.34 -13.08 2.36
C PRO A 546 -8.85 -13.30 2.20
N TRP A 547 -8.09 -12.84 3.20
CA TRP A 547 -6.64 -12.99 3.11
C TRP A 547 -6.20 -14.44 3.17
N THR A 548 -7.02 -15.32 3.75
CA THR A 548 -6.71 -16.74 3.68
C THR A 548 -6.82 -17.23 2.24
N LEU A 549 -7.81 -16.73 1.50
CA LEU A 549 -7.95 -17.12 0.10
C LEU A 549 -6.86 -16.49 -0.76
N ALA A 550 -6.54 -15.21 -0.51
CA ALA A 550 -5.44 -14.57 -1.23
C ALA A 550 -4.14 -15.32 -1.00
N LEU A 551 -3.89 -15.77 0.24
CA LEU A 551 -2.68 -16.55 0.51
C LEU A 551 -2.71 -17.89 -0.20
N GLU A 552 -3.84 -18.60 -0.12
CA GLU A 552 -3.98 -19.87 -0.83
C GLU A 552 -3.72 -19.71 -2.32
N ASN A 553 -4.12 -18.56 -2.89
CA ASN A 553 -3.90 -18.31 -4.32
C ASN A 553 -2.42 -18.38 -4.71
N ILE A 554 -1.51 -18.17 -3.77
CA ILE A 554 -0.07 -18.28 -4.02
C ILE A 554 0.50 -19.60 -3.52
N VAL A 555 0.27 -19.90 -2.23
CA VAL A 555 1.01 -20.98 -1.57
C VAL A 555 0.18 -22.25 -1.41
N GLY A 556 -1.06 -22.27 -1.89
CA GLY A 556 -1.91 -23.44 -1.70
C GLY A 556 -2.30 -23.72 -0.29
N ILE A 557 -1.94 -22.85 0.66
CA ILE A 557 -2.20 -23.05 2.08
C ILE A 557 -3.06 -21.90 2.58
N LYS A 558 -4.08 -22.22 3.35
CA LYS A 558 -5.05 -21.23 3.81
C LYS A 558 -4.57 -20.43 5.01
N THR A 559 -3.42 -20.75 5.60
CA THR A 559 -2.99 -20.09 6.83
C THR A 559 -1.48 -19.87 6.80
N MET A 560 -0.96 -19.53 7.97
CA MET A 560 0.38 -18.97 8.16
C MET A 560 1.35 -20.10 8.53
N ASP A 561 2.41 -20.27 7.74
CA ASP A 561 3.36 -21.36 7.94
C ASP A 561 4.78 -20.85 7.95
N VAL A 562 5.53 -21.23 8.97
CA VAL A 562 6.95 -20.87 9.08
C VAL A 562 7.88 -21.85 8.38
N LYS A 563 7.36 -22.99 7.93
CA LYS A 563 8.17 -23.92 7.14
C LYS A 563 8.87 -23.25 5.97
N PRO A 564 8.28 -22.28 5.25
CA PRO A 564 9.09 -21.57 4.24
C PRO A 564 10.18 -20.71 4.83
N LEU A 565 9.93 -20.07 5.98
CA LEU A 565 10.99 -19.35 6.68
C LEU A 565 12.10 -20.29 7.12
N LEU A 566 11.72 -21.40 7.76
CA LEU A 566 12.69 -22.38 8.18
C LEU A 566 13.43 -23.00 7.00
N ASN A 567 12.74 -23.21 5.87
CA ASN A 567 13.43 -23.74 4.69
C ASN A 567 14.41 -22.70 4.14
N TYR A 568 14.05 -21.42 4.18
CA TYR A 568 14.94 -20.37 3.75
C TYR A 568 16.23 -20.38 4.56
N PHE A 569 16.11 -20.58 5.87
CA PHE A 569 17.25 -20.45 6.76
C PHE A 569 17.90 -21.78 7.18
N GLU A 570 17.42 -22.92 6.67
CA GLU A 570 18.00 -24.21 7.05
C GLU A 570 19.52 -24.30 6.93
N PRO A 571 20.18 -23.73 5.91
CA PRO A 571 21.66 -23.78 5.92
C PRO A 571 22.26 -23.08 7.12
N LEU A 572 21.81 -21.85 7.42
CA LEU A 572 22.31 -21.17 8.61
C LEU A 572 21.89 -21.88 9.89
N PHE A 573 20.75 -22.56 9.86
CA PHE A 573 20.32 -23.37 11.00
C PHE A 573 21.33 -24.48 11.28
N THR A 574 21.66 -25.26 10.25
CA THR A 574 22.66 -26.31 10.37
C THR A 574 24.06 -25.75 10.64
N TRP A 575 24.29 -24.47 10.34
CA TRP A 575 25.55 -23.83 10.68
C TRP A 575 25.61 -23.51 12.18
N LEU A 576 24.59 -22.83 12.69
CA LEU A 576 24.55 -22.51 14.11
C LEU A 576 24.60 -23.78 14.96
N LYS A 577 23.93 -24.86 14.51
CA LYS A 577 23.90 -26.07 15.32
C LYS A 577 25.30 -26.62 15.57
N GLU A 578 26.22 -26.43 14.63
CA GLU A 578 27.57 -26.98 14.84
C GLU A 578 28.56 -25.93 15.33
N GLN A 579 28.33 -24.65 15.07
CA GLN A 579 29.06 -23.61 15.80
C GLN A 579 28.87 -23.77 17.30
N ASN A 580 27.63 -23.90 17.75
CA ASN A 580 27.32 -23.86 19.16
C ASN A 580 27.72 -25.14 19.90
N ARG A 581 28.35 -26.10 19.23
CA ARG A 581 28.77 -27.35 19.86
C ARG A 581 29.65 -27.15 21.08
N ASN A 582 30.18 -25.95 21.30
CA ASN A 582 30.91 -25.62 22.52
C ASN A 582 30.32 -24.37 23.17
N SER A 583 28.99 -24.26 23.17
CA SER A 583 28.32 -23.10 23.73
C SER A 583 27.03 -23.53 24.39
N PHE A 584 26.50 -22.65 25.23
CA PHE A 584 25.20 -22.84 25.85
C PHE A 584 24.12 -22.25 24.97
N VAL A 585 23.05 -22.98 24.76
CA VAL A 585 21.93 -22.55 23.94
C VAL A 585 20.75 -22.24 24.85
N GLY A 586 20.09 -21.12 24.59
CA GLY A 586 19.00 -20.68 25.44
C GLY A 586 19.46 -19.60 26.39
N TRP A 587 18.80 -19.48 27.54
CA TRP A 587 19.15 -18.46 28.52
C TRP A 587 18.46 -18.72 29.85
N SER A 588 19.20 -18.62 30.94
CA SER A 588 18.58 -18.43 32.25
C SER A 588 18.18 -16.96 32.39
N THR A 589 17.05 -16.71 33.03
CA THR A 589 16.44 -15.39 33.05
C THR A 589 16.75 -14.60 34.31
N GLU A 590 17.60 -15.12 35.19
CA GLU A 590 17.89 -14.42 36.44
C GLU A 590 19.18 -13.61 36.41
N TRP A 591 20.06 -13.85 35.45
CA TRP A 591 21.28 -13.05 35.34
C TRP A 591 20.95 -11.65 34.86
N THR A 592 21.51 -10.65 35.54
CA THR A 592 21.37 -9.26 35.13
C THR A 592 22.73 -8.59 35.27
N PRO A 593 23.03 -7.60 34.41
CA PRO A 593 24.29 -6.87 34.55
C PRO A 593 24.43 -6.09 35.84
N TYR A 594 23.32 -5.95 36.58
CA TYR A 594 23.34 -5.05 37.77
C TYR A 594 23.26 -5.81 39.09
N SER A 595 23.65 -7.08 39.14
CA SER A 595 23.67 -7.74 40.47
C SER A 595 24.95 -7.30 41.18
N ASP A 596 25.70 -6.36 40.58
CA ASP A 596 26.99 -5.91 41.14
C ASP A 596 26.90 -4.42 41.49
N LEU B 3 -19.73 22.77 -48.71
CA LEU B 3 -19.01 21.82 -47.86
C LEU B 3 -19.71 21.65 -46.52
N CYS B 4 -19.60 20.44 -45.93
CA CYS B 4 -20.28 20.17 -44.66
C CYS B 4 -19.45 20.69 -43.49
N PRO B 5 -20.11 21.28 -42.47
CA PRO B 5 -19.38 21.87 -41.34
C PRO B 5 -18.96 20.83 -40.30
N PHE B 6 -18.10 19.90 -40.72
CA PHE B 6 -17.54 18.93 -39.80
C PHE B 6 -16.44 19.55 -38.95
N GLY B 7 -15.82 20.64 -39.44
CA GLY B 7 -14.79 21.30 -38.66
C GLY B 7 -15.31 21.87 -37.36
N GLU B 8 -16.57 22.30 -37.33
CA GLU B 8 -17.13 22.87 -36.12
C GLU B 8 -17.70 21.81 -35.18
N VAL B 9 -17.89 20.58 -35.64
CA VAL B 9 -18.22 19.48 -34.73
C VAL B 9 -16.95 18.89 -34.13
N PHE B 10 -15.93 18.66 -34.97
CA PHE B 10 -14.72 18.01 -34.50
C PHE B 10 -13.77 18.99 -33.82
N ASN B 11 -13.49 20.13 -34.48
CA ASN B 11 -12.57 21.12 -33.96
C ASN B 11 -13.27 22.15 -33.06
N ALA B 12 -14.36 21.76 -32.41
CA ALA B 12 -15.02 22.67 -31.47
C ALA B 12 -14.11 22.94 -30.29
N THR B 13 -14.14 24.18 -29.80
CA THR B 13 -13.25 24.56 -28.71
C THR B 13 -13.56 23.78 -27.44
N THR B 14 -14.85 23.61 -27.11
CA THR B 14 -15.26 22.83 -25.96
C THR B 14 -16.40 21.92 -26.34
N PHE B 15 -16.35 20.69 -25.85
CA PHE B 15 -17.39 19.70 -26.08
C PHE B 15 -18.41 19.73 -24.95
N ALA B 16 -19.57 19.14 -25.20
CA ALA B 16 -20.59 19.05 -24.17
C ALA B 16 -20.31 17.88 -23.24
N SER B 17 -20.86 17.96 -22.04
CA SER B 17 -20.84 16.82 -21.14
C SER B 17 -21.68 15.70 -21.73
N VAL B 18 -21.30 14.45 -21.41
CA VAL B 18 -21.93 13.30 -22.07
C VAL B 18 -23.41 13.21 -21.73
N TYR B 19 -23.81 13.70 -20.56
CA TYR B 19 -25.23 13.62 -20.20
C TYR B 19 -26.08 14.63 -20.95
N ALA B 20 -25.48 15.72 -21.45
CA ALA B 20 -26.16 16.63 -22.36
C ALA B 20 -25.48 16.59 -23.73
N TRP B 21 -25.40 15.39 -24.31
CA TRP B 21 -24.64 15.17 -25.54
C TRP B 21 -25.13 16.09 -26.65
N ASN B 22 -24.19 16.74 -27.33
CA ASN B 22 -24.54 17.70 -28.36
C ASN B 22 -24.89 17.00 -29.66
N ARG B 23 -25.94 17.48 -30.31
CA ARG B 23 -26.35 16.97 -31.62
C ARG B 23 -26.33 18.12 -32.62
N LYS B 24 -25.63 17.90 -33.74
CA LYS B 24 -25.66 18.82 -34.87
C LYS B 24 -26.30 18.14 -36.06
N ARG B 25 -27.30 18.79 -36.65
CA ARG B 25 -27.95 18.30 -37.86
C ARG B 25 -27.15 18.76 -39.07
N ILE B 26 -26.93 17.84 -40.00
CA ILE B 26 -26.12 18.07 -41.19
C ILE B 26 -27.01 17.82 -42.40
N SER B 27 -27.14 18.84 -43.26
CA SER B 27 -28.02 18.83 -44.40
C SER B 27 -27.49 19.79 -45.46
N ASN B 28 -27.85 19.51 -46.72
CA ASN B 28 -27.59 20.41 -47.85
C ASN B 28 -26.12 20.81 -47.96
N CYS B 29 -25.26 19.80 -47.99
CA CYS B 29 -23.83 20.04 -48.13
C CYS B 29 -23.16 18.78 -48.67
N VAL B 30 -21.97 18.98 -49.23
CA VAL B 30 -21.13 17.88 -49.72
C VAL B 30 -20.12 17.52 -48.64
N ALA B 31 -20.08 16.25 -48.27
CA ALA B 31 -19.21 15.77 -47.22
C ALA B 31 -18.17 14.84 -47.80
N ASP B 32 -16.93 15.00 -47.34
CA ASP B 32 -15.83 14.11 -47.67
C ASP B 32 -15.43 13.38 -46.39
N TYR B 33 -15.83 12.13 -46.29
CA TYR B 33 -15.57 11.33 -45.10
C TYR B 33 -14.21 10.65 -45.15
N SER B 34 -13.70 10.41 -46.37
CA SER B 34 -12.36 9.87 -46.53
C SER B 34 -11.32 10.74 -45.82
N VAL B 35 -11.53 12.05 -45.79
CA VAL B 35 -10.57 12.91 -45.09
C VAL B 35 -10.72 12.79 -43.59
N LEU B 36 -11.95 12.65 -43.09
CA LEU B 36 -12.14 12.39 -41.66
C LEU B 36 -11.43 11.12 -41.22
N TYR B 37 -11.39 10.10 -42.07
CA TYR B 37 -10.66 8.92 -41.60
C TYR B 37 -9.17 9.03 -41.87
N ASN B 38 -8.77 9.38 -43.10
CA ASN B 38 -7.36 9.52 -43.41
C ASN B 38 -6.67 10.66 -42.65
N SER B 39 -7.39 11.38 -41.78
CA SER B 39 -6.72 12.31 -40.85
C SER B 39 -5.78 11.56 -39.92
N THR B 40 -6.09 10.30 -39.63
CA THR B 40 -5.22 9.39 -38.87
C THR B 40 -4.97 9.89 -37.46
N SER B 41 -5.81 10.82 -37.00
CA SER B 41 -5.70 11.42 -35.68
C SER B 41 -6.75 10.91 -34.72
N PHE B 42 -7.48 9.86 -35.09
CA PHE B 42 -8.56 9.32 -34.27
C PHE B 42 -8.17 7.94 -33.77
N SER B 43 -8.08 7.80 -32.44
CA SER B 43 -7.81 6.49 -31.86
C SER B 43 -8.96 5.52 -32.09
N THR B 44 -10.18 6.02 -32.32
CA THR B 44 -11.30 5.17 -32.70
C THR B 44 -12.00 5.80 -33.89
N PHE B 45 -12.24 5.00 -34.92
CA PHE B 45 -13.08 5.38 -36.06
C PHE B 45 -13.70 4.08 -36.56
N LYS B 46 -14.72 3.62 -35.83
CA LYS B 46 -15.36 2.35 -36.11
C LYS B 46 -16.77 2.61 -36.59
N CYS B 47 -17.07 2.20 -37.82
CA CYS B 47 -18.36 2.44 -38.48
C CYS B 47 -19.17 1.16 -38.49
N TYR B 48 -20.41 1.25 -38.00
CA TYR B 48 -21.27 0.04 -37.91
C TYR B 48 -22.29 0.06 -39.05
N GLY B 49 -22.26 1.09 -39.89
CA GLY B 49 -23.15 1.17 -41.05
C GLY B 49 -22.47 0.61 -42.29
N VAL B 50 -21.53 1.37 -42.87
CA VAL B 50 -20.74 0.84 -44.02
C VAL B 50 -19.35 1.49 -43.99
N SER B 51 -18.34 0.78 -44.51
CA SER B 51 -17.00 1.35 -44.54
C SER B 51 -17.06 2.82 -44.96
N PRO B 52 -16.16 3.68 -44.44
CA PRO B 52 -16.14 5.09 -44.83
C PRO B 52 -15.89 5.29 -46.31
N THR B 53 -15.69 4.19 -47.03
CA THR B 53 -15.44 4.28 -48.46
C THR B 53 -16.72 4.58 -49.24
N LYS B 54 -17.75 3.74 -49.06
CA LYS B 54 -18.98 3.90 -49.85
C LYS B 54 -19.83 5.05 -49.41
N LEU B 55 -19.74 5.47 -48.15
CA LEU B 55 -20.57 6.57 -47.71
C LEU B 55 -20.02 7.92 -48.17
N ASN B 56 -18.83 7.92 -48.77
CA ASN B 56 -18.42 9.02 -49.64
C ASN B 56 -19.15 8.89 -50.97
N ASP B 57 -19.44 7.65 -51.41
CA ASP B 57 -20.17 7.36 -52.64
C ASP B 57 -21.65 7.10 -52.36
N LEU B 58 -22.23 7.81 -51.40
CA LEU B 58 -23.59 7.54 -50.99
C LEU B 58 -24.24 8.83 -50.52
N CYS B 59 -25.57 8.86 -50.56
CA CYS B 59 -26.36 10.04 -50.23
C CYS B 59 -27.40 9.70 -49.16
N PHE B 60 -27.47 10.53 -48.13
CA PHE B 60 -28.44 10.38 -47.06
C PHE B 60 -29.23 11.67 -46.91
N THR B 61 -30.41 11.54 -46.29
CA THR B 61 -31.29 12.69 -46.13
C THR B 61 -30.81 13.62 -45.02
N ASN B 62 -30.52 13.07 -43.83
CA ASN B 62 -29.98 13.86 -42.74
C ASN B 62 -28.83 13.12 -42.08
N VAL B 63 -27.86 13.89 -41.59
CA VAL B 63 -26.77 13.34 -40.80
C VAL B 63 -26.85 13.99 -39.42
N TYR B 64 -26.41 13.25 -38.40
CA TYR B 64 -26.45 13.74 -37.01
C TYR B 64 -25.09 13.48 -36.37
N ALA B 65 -24.36 14.56 -36.09
CA ALA B 65 -23.06 14.48 -35.41
C ALA B 65 -23.29 14.74 -33.92
N ASP B 66 -23.18 13.69 -33.11
CA ASP B 66 -23.39 13.77 -31.67
C ASP B 66 -22.02 13.79 -31.00
N SER B 67 -21.64 14.93 -30.47
CA SER B 67 -20.33 15.12 -29.84
C SER B 67 -20.48 15.23 -28.33
N PHE B 68 -19.55 14.61 -27.61
CA PHE B 68 -19.49 14.67 -26.15
C PHE B 68 -18.10 14.22 -25.69
N VAL B 69 -17.93 14.01 -24.38
CA VAL B 69 -16.63 13.54 -23.83
C VAL B 69 -16.86 12.41 -22.81
N ILE B 70 -16.05 11.34 -22.88
CA ILE B 70 -16.15 10.23 -21.88
C ILE B 70 -14.78 9.59 -21.70
N THR B 71 -14.52 9.02 -20.52
CA THR B 71 -13.20 8.39 -20.21
C THR B 71 -12.88 7.29 -21.22
N GLY B 72 -11.60 7.15 -21.55
CA GLY B 72 -11.16 6.16 -22.53
C GLY B 72 -11.70 4.76 -22.24
N ASP B 73 -11.61 4.32 -20.99
CA ASP B 73 -12.17 3.03 -20.60
C ASP B 73 -13.65 2.93 -20.91
N GLU B 74 -14.33 4.06 -21.01
CA GLU B 74 -15.76 4.11 -21.29
C GLU B 74 -16.07 4.22 -22.77
N VAL B 75 -15.06 4.43 -23.63
CA VAL B 75 -15.28 4.56 -25.06
C VAL B 75 -15.81 3.25 -25.65
N ARG B 76 -15.52 2.12 -25.00
CA ARG B 76 -16.08 0.84 -25.43
C ARG B 76 -17.60 0.80 -25.32
N GLN B 77 -18.20 1.73 -24.56
CA GLN B 77 -19.65 1.76 -24.38
C GLN B 77 -20.39 2.50 -25.49
N ILE B 78 -19.69 3.33 -26.26
CA ILE B 78 -20.31 4.00 -27.39
C ILE B 78 -20.35 3.04 -28.57
N ALA B 79 -21.23 2.05 -28.48
CA ALA B 79 -21.41 1.03 -29.52
C ALA B 79 -22.72 0.29 -29.24
N PRO B 80 -23.40 -0.22 -30.26
CA PRO B 80 -24.65 -0.94 -30.03
C PRO B 80 -24.42 -2.24 -29.27
N GLY B 81 -25.27 -2.48 -28.27
CA GLY B 81 -25.24 -3.73 -27.52
C GLY B 81 -24.40 -3.73 -26.26
N GLN B 82 -23.94 -2.59 -25.79
CA GLN B 82 -23.06 -2.51 -24.64
C GLN B 82 -23.83 -2.03 -23.41
N THR B 83 -23.25 -2.30 -22.25
CA THR B 83 -23.85 -1.92 -20.97
C THR B 83 -22.82 -1.17 -20.13
N GLY B 84 -23.34 -0.42 -19.17
CA GLY B 84 -22.50 0.36 -18.28
C GLY B 84 -23.22 1.63 -17.85
N LYS B 85 -22.49 2.49 -17.13
CA LYS B 85 -23.05 3.77 -16.71
C LYS B 85 -23.40 4.64 -17.91
N ILE B 86 -22.42 4.88 -18.80
CA ILE B 86 -22.64 5.79 -19.92
C ILE B 86 -23.69 5.23 -20.87
N ALA B 87 -23.65 3.92 -21.12
CA ALA B 87 -24.59 3.33 -22.07
C ALA B 87 -26.01 3.31 -21.55
N ASP B 88 -26.20 3.09 -20.25
CA ASP B 88 -27.55 3.03 -19.70
C ASP B 88 -28.12 4.42 -19.43
N TYR B 89 -27.31 5.34 -18.90
CA TYR B 89 -27.83 6.56 -18.32
C TYR B 89 -27.40 7.84 -19.04
N ASN B 90 -26.74 7.75 -20.20
CA ASN B 90 -26.22 8.95 -20.85
C ASN B 90 -26.49 8.97 -22.36
N TYR B 91 -25.81 8.11 -23.12
CA TYR B 91 -25.93 8.09 -24.57
C TYR B 91 -26.06 6.64 -25.01
N LYS B 92 -27.22 6.29 -25.57
CA LYS B 92 -27.52 4.92 -25.98
C LYS B 92 -27.60 4.83 -27.49
N LEU B 93 -26.90 3.85 -28.06
CA LEU B 93 -26.96 3.56 -29.49
C LEU B 93 -27.88 2.38 -29.73
N PRO B 94 -28.82 2.47 -30.69
CA PRO B 94 -29.79 1.39 -30.89
C PRO B 94 -29.11 0.11 -31.37
N ASP B 95 -29.88 -0.98 -31.30
CA ASP B 95 -29.37 -2.27 -31.77
C ASP B 95 -29.10 -2.26 -33.26
N ASP B 96 -29.88 -1.51 -34.03
CA ASP B 96 -29.71 -1.42 -35.48
C ASP B 96 -29.05 -0.10 -35.88
N PHE B 97 -27.96 0.25 -35.18
CA PHE B 97 -27.29 1.52 -35.43
C PHE B 97 -26.45 1.45 -36.71
N THR B 98 -26.64 2.44 -37.59
CA THR B 98 -26.06 2.43 -38.93
C THR B 98 -25.10 3.60 -39.16
N GLY B 99 -24.39 4.02 -38.12
CA GLY B 99 -23.47 5.13 -38.25
C GLY B 99 -22.04 4.78 -37.87
N CYS B 100 -21.26 5.81 -37.55
CA CYS B 100 -19.88 5.64 -37.12
C CYS B 100 -19.72 6.19 -35.71
N VAL B 101 -18.69 5.71 -35.03
CA VAL B 101 -18.24 6.27 -33.77
C VAL B 101 -16.78 6.64 -33.94
N ILE B 102 -16.49 7.93 -33.78
CA ILE B 102 -15.14 8.47 -33.89
C ILE B 102 -14.77 9.03 -32.52
N ALA B 103 -13.50 8.93 -32.16
CA ALA B 103 -13.09 9.27 -30.82
C ALA B 103 -11.58 9.48 -30.78
N TRP B 104 -11.16 10.49 -30.02
CA TRP B 104 -9.74 10.79 -29.87
C TRP B 104 -9.47 11.27 -28.45
N ASN B 105 -8.19 11.21 -28.07
CA ASN B 105 -7.77 11.53 -26.71
C ASN B 105 -7.58 13.03 -26.56
N SER B 106 -8.33 13.64 -25.64
CA SER B 106 -8.28 15.08 -25.43
C SER B 106 -7.54 15.45 -24.14
N LYS B 107 -6.49 14.72 -23.81
CA LYS B 107 -5.74 14.99 -22.58
C LYS B 107 -5.08 16.37 -22.62
N HIS B 108 -4.64 16.82 -23.79
CA HIS B 108 -3.99 18.10 -23.92
C HIS B 108 -4.96 19.27 -23.89
N ILE B 109 -6.28 19.01 -23.89
CA ILE B 109 -7.27 20.06 -23.96
C ILE B 109 -8.23 20.04 -22.77
N ASP B 110 -8.70 18.86 -22.39
CA ASP B 110 -9.73 18.74 -21.37
C ASP B 110 -9.16 18.40 -20.00
N ALA B 111 -7.85 18.27 -19.87
CA ALA B 111 -7.21 18.02 -18.59
C ALA B 111 -6.34 19.20 -18.20
N LYS B 112 -6.35 19.52 -16.90
CA LYS B 112 -5.54 20.62 -16.39
C LYS B 112 -5.15 20.31 -14.95
N GLU B 113 -3.99 20.82 -14.54
CA GLU B 113 -3.50 20.58 -13.20
C GLU B 113 -4.46 21.16 -12.17
N GLY B 114 -4.72 20.39 -11.12
CA GLY B 114 -5.71 20.74 -10.13
C GLY B 114 -7.09 20.19 -10.42
N GLY B 115 -7.36 19.78 -11.63
CA GLY B 115 -8.62 19.14 -11.99
C GLY B 115 -9.48 19.98 -12.89
N ASN B 116 -10.06 19.35 -13.90
CA ASN B 116 -11.05 19.97 -14.78
C ASN B 116 -12.40 19.31 -14.49
N PHE B 117 -13.22 19.98 -13.68
CA PHE B 117 -14.53 19.48 -13.31
C PHE B 117 -15.63 19.99 -14.23
N ASN B 118 -15.29 20.38 -15.45
CA ASN B 118 -16.30 20.93 -16.35
C ASN B 118 -17.25 19.83 -16.84
N TYR B 119 -16.72 18.64 -17.13
CA TYR B 119 -17.49 17.58 -17.76
C TYR B 119 -18.17 16.73 -16.70
N LEU B 120 -19.47 16.47 -16.90
CA LEU B 120 -20.26 15.67 -15.97
C LEU B 120 -20.65 14.36 -16.65
N TYR B 121 -21.32 13.51 -15.86
CA TYR B 121 -21.99 12.33 -16.39
C TYR B 121 -23.00 11.87 -15.35
N ARG B 122 -24.03 11.15 -15.82
CA ARG B 122 -25.12 10.73 -14.95
C ARG B 122 -24.78 9.40 -14.30
N LEU B 123 -24.85 9.38 -12.97
CA LEU B 123 -24.42 8.22 -12.19
C LEU B 123 -25.57 7.30 -11.79
N PHE B 124 -26.77 7.85 -11.60
CA PHE B 124 -27.94 7.05 -11.24
C PHE B 124 -29.14 7.48 -12.06
N ARG B 125 -30.00 6.52 -12.36
CA ARG B 125 -31.25 6.78 -13.05
C ARG B 125 -32.24 5.68 -12.72
N LYS B 126 -33.52 6.02 -12.78
CA LYS B 126 -34.55 5.04 -12.44
C LYS B 126 -34.60 3.91 -13.46
N ALA B 127 -34.47 4.22 -14.75
CA ALA B 127 -34.51 3.22 -15.81
C ALA B 127 -33.49 3.57 -16.89
N ASN B 128 -33.32 2.66 -17.83
CA ASN B 128 -32.33 2.84 -18.89
C ASN B 128 -32.91 3.65 -20.04
N LEU B 129 -32.03 4.31 -20.78
CA LEU B 129 -32.42 5.19 -21.87
C LEU B 129 -32.82 4.41 -23.11
N LYS B 130 -33.77 4.97 -23.85
CA LYS B 130 -34.01 4.54 -25.21
C LYS B 130 -32.89 5.07 -26.11
N PRO B 131 -32.74 4.49 -27.31
CA PRO B 131 -31.72 4.99 -28.23
C PRO B 131 -31.93 6.47 -28.56
N PHE B 132 -30.81 7.21 -28.59
CA PHE B 132 -30.79 8.61 -28.99
C PHE B 132 -31.66 9.48 -28.10
N GLU B 133 -31.79 9.10 -26.83
CA GLU B 133 -32.52 9.88 -25.85
C GLU B 133 -31.56 10.76 -25.06
N ARG B 134 -32.08 11.86 -24.54
CA ARG B 134 -31.30 12.79 -23.74
C ARG B 134 -32.09 13.19 -22.50
N ASP B 135 -31.47 13.02 -21.33
CA ASP B 135 -32.09 13.41 -20.06
C ASP B 135 -31.11 14.32 -19.34
N ILE B 136 -31.56 15.53 -19.00
CA ILE B 136 -30.69 16.55 -18.42
C ILE B 136 -31.29 17.10 -17.13
N SER B 137 -32.08 16.27 -16.43
CA SER B 137 -32.71 16.71 -15.20
C SER B 137 -31.74 16.63 -14.03
N THR B 138 -31.85 17.60 -13.11
CA THR B 138 -31.05 17.63 -11.89
C THR B 138 -31.87 17.30 -10.65
N GLU B 139 -32.86 16.42 -10.81
CA GLU B 139 -33.68 15.98 -9.69
C GLU B 139 -32.91 14.95 -8.86
N ILE B 140 -32.89 15.16 -7.54
CA ILE B 140 -32.11 14.29 -6.67
C ILE B 140 -32.66 12.86 -6.74
N TYR B 141 -31.76 11.90 -6.96
CA TYR B 141 -32.13 10.51 -7.14
C TYR B 141 -32.55 9.91 -5.80
N GLN B 142 -33.83 9.55 -5.68
CA GLN B 142 -34.34 8.90 -4.48
C GLN B 142 -34.04 7.41 -4.55
N ALA B 143 -33.22 6.92 -3.63
CA ALA B 143 -32.80 5.52 -3.64
C ALA B 143 -33.56 4.65 -2.65
N GLY B 144 -33.94 5.19 -1.49
CA GLY B 144 -34.66 4.43 -0.50
C GLY B 144 -36.17 4.56 -0.63
N SER B 145 -36.85 4.84 0.48
CA SER B 145 -38.28 5.06 0.48
C SER B 145 -38.70 6.38 1.09
N LYS B 146 -37.83 7.05 1.84
CA LYS B 146 -38.13 8.41 2.27
C LYS B 146 -37.92 9.37 1.12
N PRO B 147 -38.85 10.31 0.87
CA PRO B 147 -38.62 11.31 -0.17
C PRO B 147 -37.41 12.17 0.17
N CYS B 148 -36.70 12.59 -0.87
CA CYS B 148 -35.51 13.41 -0.67
C CYS B 148 -35.84 14.86 -0.36
N ASN B 149 -36.98 15.34 -0.83
CA ASN B 149 -37.27 16.79 -0.66
C ASN B 149 -36.23 17.57 -1.45
N GLY B 150 -35.89 17.09 -2.65
CA GLY B 150 -34.95 17.83 -3.51
C GLY B 150 -33.67 18.21 -2.81
N GLN B 151 -33.02 17.25 -2.14
CA GLN B 151 -31.77 17.53 -1.41
C GLN B 151 -30.91 16.25 -1.30
N THR B 152 -29.60 16.39 -1.37
CA THR B 152 -28.70 15.22 -1.18
C THR B 152 -28.72 14.84 0.30
N GLY B 153 -28.59 13.54 0.62
CA GLY B 153 -28.62 13.11 2.01
C GLY B 153 -28.69 11.61 2.18
N LEU B 154 -29.40 11.14 3.20
CA LEU B 154 -29.60 9.71 3.39
C LEU B 154 -30.46 9.14 2.27
N ASN B 155 -29.92 8.18 1.53
CA ASN B 155 -30.62 7.55 0.40
C ASN B 155 -31.10 8.61 -0.58
N CYS B 156 -30.26 9.64 -0.79
CA CYS B 156 -30.65 10.80 -1.56
C CYS B 156 -29.36 11.43 -2.10
N TYR B 157 -29.12 11.30 -3.40
CA TYR B 157 -27.86 11.71 -4.01
C TYR B 157 -28.13 12.52 -5.27
N TYR B 158 -27.29 13.53 -5.49
CA TYR B 158 -27.32 14.27 -6.75
C TYR B 158 -27.06 13.29 -7.89
N PRO B 159 -27.87 13.31 -8.95
CA PRO B 159 -27.72 12.33 -10.03
C PRO B 159 -26.55 12.62 -10.97
N LEU B 160 -25.75 13.66 -10.73
CA LEU B 160 -24.69 14.06 -11.65
C LEU B 160 -23.39 14.22 -10.88
N TYR B 161 -22.31 13.63 -11.41
CA TYR B 161 -21.00 13.76 -10.80
C TYR B 161 -20.01 14.20 -11.88
N ARG B 162 -18.89 14.78 -11.42
CA ARG B 162 -17.94 15.48 -12.28
C ARG B 162 -16.72 14.61 -12.55
N TYR B 163 -16.39 14.48 -13.84
CA TYR B 163 -15.15 13.77 -14.21
C TYR B 163 -13.98 14.63 -13.74
N GLY B 164 -12.92 14.02 -13.21
CA GLY B 164 -11.72 14.79 -12.83
C GLY B 164 -10.61 14.56 -13.84
N PHE B 165 -10.52 15.43 -14.85
CA PHE B 165 -9.52 15.18 -15.92
C PHE B 165 -8.17 15.82 -15.58
N TYR B 166 -7.22 15.00 -15.15
CA TYR B 166 -5.91 15.50 -14.82
C TYR B 166 -4.91 15.13 -15.92
N PRO B 167 -3.88 15.97 -16.14
CA PRO B 167 -2.85 15.60 -17.13
C PRO B 167 -1.91 14.53 -16.60
N THR B 168 -2.31 13.85 -15.53
CA THR B 168 -1.52 12.78 -14.94
C THR B 168 -2.31 11.49 -14.77
N ASP B 169 -3.59 11.47 -15.14
CA ASP B 169 -4.38 10.26 -15.04
C ASP B 169 -3.84 9.17 -15.95
N GLY B 170 -4.15 7.92 -15.60
CA GLY B 170 -3.94 6.83 -16.53
C GLY B 170 -4.79 6.99 -17.77
N VAL B 171 -4.38 6.30 -18.84
CA VAL B 171 -4.99 6.47 -20.16
C VAL B 171 -6.51 6.31 -20.10
N GLY B 172 -7.00 5.43 -19.24
CA GLY B 172 -8.42 5.12 -19.15
C GLY B 172 -9.25 6.10 -18.33
N HIS B 173 -8.61 6.86 -17.46
CA HIS B 173 -9.27 7.92 -16.71
C HIS B 173 -9.02 9.29 -17.31
N GLN B 174 -8.49 9.35 -18.53
CA GLN B 174 -8.21 10.54 -19.32
C GLN B 174 -9.42 10.94 -20.15
N PRO B 175 -9.50 12.20 -20.58
CA PRO B 175 -10.67 12.62 -21.36
C PRO B 175 -10.55 12.22 -22.82
N TYR B 176 -11.69 11.83 -23.39
CA TYR B 176 -11.79 11.42 -24.79
C TYR B 176 -13.00 12.09 -25.41
N ARG B 177 -12.78 12.73 -26.56
CA ARG B 177 -13.84 13.38 -27.30
C ARG B 177 -14.41 12.41 -28.32
N VAL B 178 -15.74 12.28 -28.35
CA VAL B 178 -16.44 11.30 -29.17
C VAL B 178 -17.43 12.03 -30.06
N VAL B 179 -17.44 11.69 -31.36
CA VAL B 179 -18.40 12.16 -32.33
C VAL B 179 -19.04 10.93 -32.97
N VAL B 180 -20.33 10.76 -32.74
CA VAL B 180 -21.09 9.66 -33.32
C VAL B 180 -21.86 10.22 -34.51
N LEU B 181 -21.61 9.66 -35.68
CA LEU B 181 -22.26 10.10 -36.91
C LEU B 181 -23.40 9.16 -37.25
N SER B 182 -24.60 9.71 -37.37
CA SER B 182 -25.79 8.94 -37.74
C SER B 182 -26.25 9.40 -39.13
N PHE B 183 -26.66 8.43 -39.96
CA PHE B 183 -27.08 8.70 -41.33
C PHE B 183 -28.47 8.14 -41.52
N GLU B 184 -29.41 8.97 -42.00
CA GLU B 184 -30.79 8.52 -42.14
C GLU B 184 -31.26 8.64 -43.59
N LEU B 185 -32.24 7.82 -43.94
CA LEU B 185 -32.90 7.85 -45.24
C LEU B 185 -34.41 7.94 -45.05
N LEU B 186 -35.02 8.94 -45.67
CA LEU B 186 -36.47 9.08 -45.64
C LEU B 186 -37.01 9.19 -47.06
N ASN B 187 -38.27 9.59 -47.18
CA ASN B 187 -38.84 9.88 -48.50
C ASN B 187 -38.43 11.27 -49.00
N ALA B 188 -37.87 12.11 -48.13
CA ALA B 188 -37.30 13.36 -48.58
C ALA B 188 -36.03 13.10 -49.37
N PRO B 189 -35.70 13.96 -50.34
CA PRO B 189 -34.46 13.77 -51.11
C PRO B 189 -33.23 13.85 -50.22
N ALA B 190 -32.19 13.13 -50.61
CA ALA B 190 -30.94 13.10 -49.86
C ALA B 190 -30.11 14.33 -50.19
N THR B 191 -29.81 15.13 -49.16
CA THR B 191 -29.08 16.41 -49.36
C THR B 191 -27.66 16.30 -48.83
N VAL B 192 -27.29 15.13 -48.31
CA VAL B 192 -25.93 14.94 -47.77
C VAL B 192 -25.23 13.86 -48.61
N CYS B 193 -24.21 14.24 -49.38
CA CYS B 193 -23.48 13.27 -50.25
C CYS B 193 -21.98 13.56 -50.20
N GLY B 194 -21.24 13.15 -51.23
CA GLY B 194 -19.79 13.37 -51.30
C GLY B 194 -19.24 13.10 -52.69
C1 NAG C . 16.03 -14.02 -18.91
C2 NAG C . 16.74 -14.48 -20.17
C3 NAG C . 18.06 -13.73 -20.33
C4 NAG C . 17.87 -12.22 -20.21
C5 NAG C . 17.01 -11.87 -18.99
C6 NAG C . 16.64 -10.40 -18.91
C7 NAG C . 16.88 -16.71 -21.21
C8 NAG C . 16.51 -16.05 -22.51
N2 NAG C . 16.97 -15.91 -20.13
O3 NAG C . 18.59 -14.04 -21.60
O4 NAG C . 19.12 -11.54 -20.07
O5 NAG C . 15.79 -12.62 -18.99
O6 NAG C . 17.75 -9.60 -18.55
O7 NAG C . 17.09 -17.91 -21.14
C1 NAG C . 19.93 -11.44 -21.26
C2 NAG C . 21.16 -12.36 -21.15
C3 NAG C . 21.90 -12.46 -22.50
C4 NAG C . 20.96 -12.68 -23.68
C5 NAG C . 19.80 -11.71 -23.64
C6 NAG C . 18.74 -12.01 -24.67
C7 NAG C . 22.99 -12.72 -19.55
C8 NAG C . 23.88 -12.09 -18.51
N2 NAG C . 22.08 -11.91 -20.11
O3 NAG C . 22.79 -13.57 -22.41
O4 NAG C . 21.65 -12.52 -24.92
O5 NAG C . 19.15 -11.80 -22.37
O6 NAG C . 18.25 -13.33 -24.56
O7 NAG C . 23.11 -13.90 -19.88
C1 BMA C . 22.85 -11.72 -24.73
C2 BMA C . 24.05 -12.41 -25.47
C3 BMA C . 25.32 -11.60 -25.19
C4 BMA C . 25.12 -10.11 -25.53
C5 BMA C . 23.85 -9.55 -24.84
C6 BMA C . 23.56 -8.10 -25.22
O2 BMA C . 23.85 -12.38 -26.86
O3 BMA C . 26.46 -12.12 -25.90
O4 BMA C . 26.26 -9.36 -25.12
O5 BMA C . 22.71 -10.37 -25.22
O6 BMA C . 24.67 -7.31 -24.80
C1 NAG D . 6.68 25.13 -4.59
C2 NAG D . 6.22 25.30 -6.04
C3 NAG D . 6.62 26.68 -6.58
C4 NAG D . 6.13 27.77 -5.62
C5 NAG D . 6.56 27.48 -4.17
C6 NAG D . 6.02 28.48 -3.17
C7 NAG D . 7.85 23.80 -7.27
C8 NAG D . 9.00 24.54 -6.68
N2 NAG D . 6.60 24.21 -6.93
O3 NAG D . 6.01 26.88 -7.85
O4 NAG D . 6.62 29.05 -6.02
O5 NAG D . 6.11 26.18 -3.76
O6 NAG D . 6.90 28.61 -2.05
O7 NAG D . 8.03 22.84 -8.04
#